data_1VDJ
#
_entry.id   1VDJ
#
_entity_poly.entity_id   1
_entity_poly.type   'polypeptide(L)'
_entity_poly.pdbx_seq_one_letter_code
;KVNMDLRANLKQVKKEDTEKEKDLRDVGDWRKNIEEKSGMEGRKKMFEAGES
;
_entity_poly.pdbx_strand_id   A
#
# COMPACT_ATOMS: atom_id res chain seq x y z
N LYS A 1 16.09 -11.77 -18.12
CA LYS A 1 14.88 -12.32 -17.54
C LYS A 1 13.72 -11.35 -17.78
N VAL A 2 13.43 -11.12 -19.04
CA VAL A 2 12.36 -10.21 -19.43
C VAL A 2 11.07 -10.65 -18.73
N ASN A 3 10.83 -11.95 -18.74
CA ASN A 3 9.64 -12.51 -18.12
C ASN A 3 9.36 -11.77 -16.81
N MET A 4 10.35 -11.80 -15.93
CA MET A 4 10.23 -11.13 -14.64
C MET A 4 10.11 -9.62 -14.82
N ASP A 5 11.03 -9.07 -15.59
CA ASP A 5 11.04 -7.64 -15.85
C ASP A 5 9.61 -7.16 -16.09
N LEU A 6 8.87 -7.94 -16.87
CA LEU A 6 7.50 -7.60 -17.19
C LEU A 6 6.64 -7.81 -15.94
N ARG A 7 6.80 -8.97 -15.33
CA ARG A 7 6.05 -9.29 -14.13
C ARG A 7 6.12 -8.14 -13.12
N ALA A 8 7.33 -7.89 -12.66
CA ALA A 8 7.55 -6.82 -11.69
C ALA A 8 7.02 -5.50 -12.26
N ASN A 9 7.35 -5.27 -13.53
CA ASN A 9 6.91 -4.05 -14.20
C ASN A 9 5.48 -3.73 -13.78
N LEU A 10 4.58 -4.66 -14.08
CA LEU A 10 3.18 -4.49 -13.75
C LEU A 10 2.98 -4.82 -12.27
N LYS A 11 3.03 -6.11 -11.96
CA LYS A 11 2.86 -6.57 -10.60
C LYS A 11 3.69 -5.70 -9.66
N GLN A 12 3.05 -4.68 -9.12
CA GLN A 12 3.73 -3.76 -8.20
C GLN A 12 2.70 -3.08 -7.29
N VAL A 13 3.19 -2.09 -6.55
CA VAL A 13 2.34 -1.35 -5.64
C VAL A 13 0.96 -1.16 -6.27
N LYS A 14 -0.02 -1.86 -5.72
CA LYS A 14 -1.38 -1.77 -6.23
C LYS A 14 -2.34 -1.54 -5.06
N LYS A 15 -2.88 -0.34 -5.01
CA LYS A 15 -3.83 0.01 -3.96
C LYS A 15 -4.80 1.08 -4.47
N GLU A 16 -5.99 1.06 -3.91
CA GLU A 16 -7.02 2.01 -4.31
C GLU A 16 -7.51 2.81 -3.09
N ASP A 17 -6.80 2.61 -1.98
CA ASP A 17 -7.16 3.30 -0.75
C ASP A 17 -8.61 2.99 -0.40
N THR A 18 -8.99 3.34 0.83
CA THR A 18 -10.34 3.11 1.30
C THR A 18 -10.48 1.68 1.80
N GLU A 19 -9.43 1.19 2.43
CA GLU A 19 -9.42 -0.15 2.98
C GLU A 19 -9.34 -1.17 1.85
N LYS A 20 -8.36 -0.97 0.97
CA LYS A 20 -8.16 -1.86 -0.15
C LYS A 20 -6.77 -1.65 -0.73
N GLU A 21 -5.81 -2.38 -0.18
CA GLU A 21 -4.43 -2.28 -0.64
C GLU A 21 -3.90 -3.65 -1.03
N LYS A 22 -3.01 -3.65 -2.02
CA LYS A 22 -2.43 -4.88 -2.51
C LYS A 22 -0.91 -4.71 -2.61
N ASP A 23 -0.21 -5.41 -1.71
CA ASP A 23 1.24 -5.36 -1.69
C ASP A 23 1.81 -6.45 -2.58
N LEU A 24 2.56 -6.02 -3.59
CA LEU A 24 3.17 -6.95 -4.52
C LEU A 24 4.13 -7.87 -3.77
N ARG A 25 4.87 -8.66 -4.53
CA ARG A 25 5.83 -9.58 -3.95
C ARG A 25 6.99 -8.81 -3.33
N ASP A 26 7.32 -7.69 -3.96
CA ASP A 26 8.42 -6.86 -3.48
C ASP A 26 8.17 -6.51 -2.01
N VAL A 27 6.97 -6.00 -1.74
CA VAL A 27 6.61 -5.63 -0.39
C VAL A 27 7.84 -5.12 0.35
N GLY A 28 8.49 -6.03 1.07
CA GLY A 28 9.68 -5.68 1.82
C GLY A 28 9.62 -4.23 2.31
N ASP A 29 10.27 -3.36 1.54
CA ASP A 29 10.30 -1.95 1.88
C ASP A 29 9.00 -1.28 1.39
N TRP A 30 8.77 -1.41 0.08
CA TRP A 30 7.59 -0.83 -0.52
C TRP A 30 6.43 -0.97 0.47
N ARG A 31 6.21 -2.20 0.90
CA ARG A 31 5.14 -2.48 1.85
C ARG A 31 5.36 -1.71 3.15
N LYS A 32 6.41 -2.10 3.87
CA LYS A 32 6.73 -1.45 5.12
C LYS A 32 6.22 -0.01 5.10
N ASN A 33 6.49 0.66 3.99
CA ASN A 33 6.05 2.04 3.83
C ASN A 33 4.53 2.10 3.81
N ILE A 34 3.96 1.68 2.69
CA ILE A 34 2.51 1.68 2.53
C ILE A 34 1.88 0.91 3.69
N GLU A 35 2.28 -0.35 3.81
CA GLU A 35 1.76 -1.19 4.87
C GLU A 35 1.47 -0.37 6.13
N GLU A 36 2.49 0.35 6.56
CA GLU A 36 2.37 1.19 7.74
C GLU A 36 1.52 2.42 7.44
N LYS A 37 2.03 3.25 6.53
CA LYS A 37 1.32 4.45 6.14
C LYS A 37 -0.18 4.16 6.05
N SER A 38 -0.55 3.48 4.98
CA SER A 38 -1.94 3.13 4.77
C SER A 38 -2.60 2.72 6.09
N GLY A 39 -3.91 2.85 6.13
CA GLY A 39 -4.67 2.50 7.32
C GLY A 39 -4.51 3.59 8.40
N MET A 40 -3.42 3.47 9.14
CA MET A 40 -3.14 4.42 10.21
C MET A 40 -3.20 5.86 9.68
N GLU A 41 -2.40 6.11 8.66
CA GLU A 41 -2.35 7.44 8.06
C GLU A 41 -3.73 7.84 7.53
N GLY A 42 -4.46 6.82 7.08
CA GLY A 42 -5.79 7.06 6.55
C GLY A 42 -6.75 7.56 7.63
N ARG A 43 -6.57 7.02 8.83
CA ARG A 43 -7.40 7.41 9.95
C ARG A 43 -7.01 8.80 10.45
N LYS A 44 -5.71 9.05 10.45
CA LYS A 44 -5.19 10.33 10.90
C LYS A 44 -5.77 11.43 10.01
N LYS A 45 -5.51 11.30 8.72
CA LYS A 45 -5.98 12.29 7.76
C LYS A 45 -7.51 12.35 7.82
N MET A 46 -8.11 11.18 7.98
CA MET A 46 -9.56 11.08 8.05
C MET A 46 -10.09 11.77 9.31
N PHE A 47 -9.23 11.87 10.30
CA PHE A 47 -9.59 12.50 11.56
C PHE A 47 -9.14 13.96 11.59
N GLU A 48 -7.87 14.15 11.88
CA GLU A 48 -7.31 15.49 11.94
C GLU A 48 -8.33 16.48 12.51
N ALA A 49 -8.93 16.07 13.62
CA ALA A 49 -9.93 16.90 14.27
C ALA A 49 -9.47 18.35 14.25
N GLY A 50 -10.11 19.13 13.39
CA GLY A 50 -9.77 20.54 13.26
C GLY A 50 -9.79 20.98 11.79
N GLU A 51 -10.53 22.05 11.54
CA GLU A 51 -10.65 22.58 10.20
C GLU A 51 -9.48 23.52 9.89
N SER A 52 -9.03 23.48 8.65
CA SER A 52 -7.93 24.33 8.22
C SER A 52 -6.87 24.40 9.32
N LYS A 1 5.09 -19.90 -8.45
CA LYS A 1 4.06 -18.87 -8.48
C LYS A 1 4.45 -17.80 -9.50
N VAL A 2 4.81 -18.25 -10.69
CA VAL A 2 5.21 -17.35 -11.75
C VAL A 2 4.08 -16.36 -12.03
N ASN A 3 2.86 -16.83 -11.81
CA ASN A 3 1.69 -16.00 -12.03
C ASN A 3 1.85 -14.69 -11.25
N MET A 4 1.85 -14.83 -9.93
CA MET A 4 1.99 -13.67 -9.07
C MET A 4 3.39 -13.04 -9.21
N ASP A 5 4.30 -13.85 -9.72
CA ASP A 5 5.67 -13.38 -9.91
C ASP A 5 5.69 -12.26 -10.95
N LEU A 6 5.33 -12.62 -12.17
CA LEU A 6 5.30 -11.66 -13.26
C LEU A 6 4.30 -10.55 -12.93
N ARG A 7 3.11 -10.97 -12.55
CA ARG A 7 2.05 -10.04 -12.20
C ARG A 7 2.60 -8.94 -11.28
N ALA A 8 3.03 -9.38 -10.10
CA ALA A 8 3.57 -8.45 -9.12
C ALA A 8 4.62 -7.56 -9.79
N ASN A 9 5.69 -8.20 -10.24
CA ASN A 9 6.76 -7.47 -10.91
C ASN A 9 6.17 -6.46 -11.87
N LEU A 10 4.97 -6.76 -12.34
CA LEU A 10 4.28 -5.89 -13.28
C LEU A 10 3.55 -4.79 -12.49
N LYS A 11 2.33 -5.11 -12.08
CA LYS A 11 1.53 -4.17 -11.33
C LYS A 11 2.43 -3.34 -10.41
N GLN A 12 3.13 -4.04 -9.54
CA GLN A 12 4.04 -3.39 -8.61
C GLN A 12 3.30 -2.29 -7.83
N VAL A 13 3.10 -2.55 -6.55
CA VAL A 13 2.42 -1.61 -5.69
C VAL A 13 1.08 -1.22 -6.32
N LYS A 14 0.01 -1.74 -5.73
CA LYS A 14 -1.33 -1.47 -6.22
C LYS A 14 -2.26 -1.20 -5.04
N LYS A 15 -2.78 0.02 -5.00
CA LYS A 15 -3.68 0.43 -3.93
C LYS A 15 -4.66 1.47 -4.47
N GLU A 16 -5.55 1.91 -3.58
CA GLU A 16 -6.54 2.90 -3.96
C GLU A 16 -6.59 4.01 -2.90
N ASP A 17 -5.65 3.95 -1.98
CA ASP A 17 -5.58 4.94 -0.91
C ASP A 17 -6.89 4.92 -0.12
N THR A 18 -6.79 5.37 1.14
CA THR A 18 -7.95 5.41 2.00
C THR A 18 -8.31 4.00 2.48
N GLU A 19 -7.45 3.45 3.31
CA GLU A 19 -7.66 2.11 3.85
C GLU A 19 -7.94 1.13 2.71
N LYS A 20 -6.89 0.81 1.97
CA LYS A 20 -7.02 -0.12 0.85
C LYS A 20 -5.70 -0.15 0.08
N GLU A 21 -4.85 -1.09 0.48
CA GLU A 21 -3.55 -1.24 -0.16
C GLU A 21 -3.31 -2.71 -0.53
N LYS A 22 -2.58 -2.90 -1.61
CA LYS A 22 -2.28 -4.25 -2.07
C LYS A 22 -0.78 -4.34 -2.39
N ASP A 23 -0.08 -5.13 -1.58
CA ASP A 23 1.35 -5.31 -1.76
C ASP A 23 1.61 -6.70 -2.33
N LEU A 24 2.34 -6.74 -3.44
CA LEU A 24 2.66 -7.98 -4.09
C LEU A 24 4.15 -8.29 -3.89
N ARG A 25 4.96 -7.73 -4.77
CA ARG A 25 6.40 -7.93 -4.71
C ARG A 25 7.10 -6.62 -4.33
N ASP A 26 8.37 -6.75 -3.99
CA ASP A 26 9.16 -5.59 -3.61
C ASP A 26 8.70 -5.08 -2.24
N VAL A 27 7.75 -5.81 -1.67
CA VAL A 27 7.21 -5.46 -0.37
C VAL A 27 8.31 -4.79 0.47
N GLY A 28 9.03 -5.63 1.20
CA GLY A 28 10.11 -5.16 2.05
C GLY A 28 9.87 -3.70 2.45
N ASP A 29 10.42 -2.81 1.63
CA ASP A 29 10.28 -1.38 1.88
C ASP A 29 8.95 -0.90 1.33
N TRP A 30 8.75 -1.14 0.04
CA TRP A 30 7.52 -0.74 -0.61
C TRP A 30 6.36 -0.95 0.36
N ARG A 31 6.29 -2.17 0.87
CA ARG A 31 5.24 -2.53 1.82
C ARG A 31 5.40 -1.74 3.12
N LYS A 32 6.46 -2.09 3.85
CA LYS A 32 6.75 -1.43 5.11
C LYS A 32 6.19 -0.01 5.07
N ASN A 33 6.45 0.66 3.95
CA ASN A 33 5.98 2.02 3.78
C ASN A 33 4.45 2.05 3.81
N ILE A 34 3.86 1.57 2.73
CA ILE A 34 2.42 1.53 2.61
C ILE A 34 1.84 0.75 3.81
N GLU A 35 2.30 -0.48 3.94
CA GLU A 35 1.84 -1.34 5.02
C GLU A 35 1.57 -0.51 6.27
N GLU A 36 2.57 0.28 6.64
CA GLU A 36 2.45 1.12 7.83
C GLU A 36 1.56 2.33 7.53
N LYS A 37 2.06 3.21 6.67
CA LYS A 37 1.32 4.40 6.29
C LYS A 37 0.16 4.01 5.37
N SER A 38 -0.81 3.31 5.96
CA SER A 38 -1.98 2.87 5.21
C SER A 38 -3.05 2.35 6.17
N GLY A 39 -2.78 1.19 6.75
CA GLY A 39 -3.70 0.58 7.68
C GLY A 39 -3.63 1.25 9.06
N MET A 40 -2.66 0.80 9.83
CA MET A 40 -2.46 1.34 11.17
C MET A 40 -2.69 2.85 11.19
N GLU A 41 -1.80 3.58 10.52
CA GLU A 41 -1.91 5.02 10.46
C GLU A 41 -3.30 5.43 9.99
N GLY A 42 -3.82 4.67 9.04
CA GLY A 42 -5.14 4.95 8.50
C GLY A 42 -6.19 5.01 9.62
N ARG A 43 -6.32 3.90 10.33
CA ARG A 43 -7.27 3.81 11.42
C ARG A 43 -6.97 4.90 12.46
N LYS A 44 -5.70 5.03 12.79
CA LYS A 44 -5.28 6.03 13.76
C LYS A 44 -5.72 7.41 13.30
N LYS A 45 -5.78 7.56 11.99
CA LYS A 45 -6.18 8.83 11.40
C LYS A 45 -7.71 8.95 11.45
N MET A 46 -8.37 7.80 11.33
CA MET A 46 -9.82 7.77 11.37
C MET A 46 -10.35 8.26 12.72
N PHE A 47 -9.91 7.59 13.77
CA PHE A 47 -10.34 7.94 15.11
C PHE A 47 -9.67 9.23 15.58
N GLU A 48 -8.43 9.42 15.14
CA GLU A 48 -7.68 10.61 15.49
C GLU A 48 -8.02 11.03 16.92
N ALA A 49 -7.23 10.52 17.86
CA ALA A 49 -7.44 10.84 19.27
C ALA A 49 -6.08 10.90 19.98
N GLY A 50 -5.41 9.75 19.99
CA GLY A 50 -4.11 9.65 20.63
C GLY A 50 -4.25 9.62 22.16
N GLU A 51 -4.47 8.43 22.67
CA GLU A 51 -4.62 8.25 24.10
C GLU A 51 -5.82 9.04 24.62
N SER A 52 -6.99 8.40 24.50
CA SER A 52 -8.23 9.04 24.93
C SER A 52 -8.52 8.64 26.38
N LYS A 1 15.41 -12.56 -17.83
CA LYS A 1 13.95 -12.50 -17.74
C LYS A 1 13.50 -11.04 -17.79
N VAL A 2 13.56 -10.47 -18.98
CA VAL A 2 13.15 -9.09 -19.17
C VAL A 2 11.66 -8.96 -18.88
N ASN A 3 10.88 -9.74 -19.62
CA ASN A 3 9.43 -9.72 -19.45
C ASN A 3 9.10 -9.60 -17.96
N MET A 4 9.99 -10.14 -17.14
CA MET A 4 9.80 -10.10 -15.70
C MET A 4 10.21 -8.75 -15.12
N ASP A 5 11.46 -8.38 -15.40
CA ASP A 5 11.99 -7.12 -14.92
C ASP A 5 11.00 -6.00 -15.23
N LEU A 6 10.40 -6.09 -16.42
CA LEU A 6 9.44 -5.10 -16.85
C LEU A 6 8.13 -5.30 -16.10
N ARG A 7 7.68 -6.54 -16.07
CA ARG A 7 6.44 -6.88 -15.39
C ARG A 7 6.42 -6.28 -13.98
N ALA A 8 7.54 -6.47 -13.28
CA ALA A 8 7.67 -5.95 -11.94
C ALA A 8 7.84 -4.43 -11.99
N ASN A 9 8.74 -4.00 -12.85
CA ASN A 9 9.01 -2.58 -13.01
C ASN A 9 7.70 -1.80 -12.87
N LEU A 10 6.70 -2.26 -13.61
CA LEU A 10 5.39 -1.61 -13.59
C LEU A 10 4.58 -2.18 -12.42
N LYS A 11 4.16 -3.42 -12.58
CA LYS A 11 3.38 -4.09 -11.55
C LYS A 11 4.26 -4.33 -10.33
N GLN A 12 4.00 -3.54 -9.28
CA GLN A 12 4.76 -3.66 -8.05
C GLN A 12 4.14 -2.79 -6.96
N VAL A 13 2.84 -2.59 -7.07
CA VAL A 13 2.11 -1.78 -6.11
C VAL A 13 0.72 -1.46 -6.65
N LYS A 14 -0.28 -1.96 -5.95
CA LYS A 14 -1.66 -1.73 -6.34
C LYS A 14 -2.53 -1.54 -5.10
N LYS A 15 -3.54 -0.70 -5.25
CA LYS A 15 -4.45 -0.41 -4.14
C LYS A 15 -5.60 0.45 -4.65
N GLU A 16 -6.63 0.55 -3.82
CA GLU A 16 -7.79 1.34 -4.16
C GLU A 16 -8.22 2.21 -2.98
N ASP A 17 -7.37 2.22 -1.96
CA ASP A 17 -7.65 3.01 -0.76
C ASP A 17 -8.99 2.58 -0.17
N THR A 18 -9.20 2.96 1.07
CA THR A 18 -10.44 2.62 1.76
C THR A 18 -10.36 1.21 2.34
N GLU A 19 -9.19 0.89 2.88
CA GLU A 19 -8.97 -0.43 3.46
C GLU A 19 -8.90 -1.49 2.38
N LYS A 20 -7.95 -1.30 1.47
CA LYS A 20 -7.76 -2.23 0.37
C LYS A 20 -6.46 -1.90 -0.36
N GLU A 21 -5.35 -2.39 0.20
CA GLU A 21 -4.05 -2.14 -0.38
C GLU A 21 -3.43 -3.46 -0.86
N LYS A 22 -3.21 -3.53 -2.17
CA LYS A 22 -2.63 -4.73 -2.76
C LYS A 22 -1.10 -4.60 -2.76
N ASP A 23 -0.47 -5.43 -1.95
CA ASP A 23 0.97 -5.43 -1.84
C ASP A 23 1.56 -6.44 -2.81
N LEU A 24 2.36 -5.94 -3.73
CA LEU A 24 2.99 -6.80 -4.73
C LEU A 24 3.96 -7.76 -4.03
N ARG A 25 4.53 -8.66 -4.82
CA ARG A 25 5.46 -9.63 -4.30
C ARG A 25 6.51 -8.94 -3.43
N ASP A 26 7.47 -8.31 -4.08
CA ASP A 26 8.53 -7.62 -3.38
C ASP A 26 8.01 -7.13 -2.03
N VAL A 27 7.44 -5.94 -2.04
CA VAL A 27 6.90 -5.35 -0.83
C VAL A 27 8.05 -4.93 0.08
N GLY A 28 8.70 -5.93 0.67
CA GLY A 28 9.82 -5.67 1.55
C GLY A 28 9.66 -4.32 2.25
N ASP A 29 10.42 -3.34 1.78
CA ASP A 29 10.39 -2.01 2.34
C ASP A 29 9.18 -1.26 1.78
N TRP A 30 9.15 -1.15 0.45
CA TRP A 30 8.08 -0.46 -0.23
C TRP A 30 6.79 -0.71 0.56
N ARG A 31 6.65 -1.94 1.03
CA ARG A 31 5.48 -2.32 1.80
C ARG A 31 5.51 -1.66 3.19
N LYS A 32 6.50 -2.07 3.98
CA LYS A 32 6.66 -1.54 5.31
C LYS A 32 6.14 -0.10 5.35
N ASN A 33 6.46 0.64 4.30
CA ASN A 33 6.04 2.02 4.20
C ASN A 33 4.52 2.07 4.04
N ILE A 34 4.07 1.74 2.83
CA ILE A 34 2.65 1.75 2.54
C ILE A 34 1.91 0.94 3.60
N GLU A 35 2.28 -0.33 3.69
CA GLU A 35 1.66 -1.23 4.65
C GLU A 35 1.36 -0.48 5.95
N GLU A 36 2.38 0.20 6.45
CA GLU A 36 2.24 0.96 7.68
C GLU A 36 1.15 2.03 7.52
N LYS A 37 1.51 3.10 6.81
CA LYS A 37 0.58 4.18 6.58
C LYS A 37 -0.80 3.62 6.26
N SER A 38 -0.81 2.66 5.33
CA SER A 38 -2.06 2.03 4.93
C SER A 38 -2.88 1.67 6.16
N GLY A 39 -4.00 2.37 6.32
CA GLY A 39 -4.88 2.14 7.44
C GLY A 39 -4.83 3.29 8.43
N MET A 40 -3.68 3.43 9.09
CA MET A 40 -3.49 4.49 10.05
C MET A 40 -3.67 5.86 9.42
N GLU A 41 -3.33 5.93 8.14
CA GLU A 41 -3.45 7.18 7.39
C GLU A 41 -4.88 7.72 7.50
N GLY A 42 -5.82 6.89 7.07
CA GLY A 42 -7.22 7.28 7.11
C GLY A 42 -7.71 7.42 8.55
N ARG A 43 -7.48 6.37 9.33
CA ARG A 43 -7.89 6.38 10.72
C ARG A 43 -7.63 7.74 11.35
N LYS A 44 -6.46 8.28 11.06
CA LYS A 44 -6.08 9.58 11.60
C LYS A 44 -6.79 10.68 10.81
N LYS A 45 -6.65 10.60 9.49
CA LYS A 45 -7.27 11.58 8.62
C LYS A 45 -8.68 11.90 9.14
N MET A 46 -9.26 10.92 9.80
CA MET A 46 -10.60 11.07 10.35
C MET A 46 -10.54 11.50 11.82
N PHE A 47 -9.96 10.63 12.63
CA PHE A 47 -9.84 10.90 14.06
C PHE A 47 -9.70 12.40 14.32
N GLU A 48 -8.84 13.03 13.52
CA GLU A 48 -8.60 14.45 13.66
C GLU A 48 -8.95 14.92 15.06
N ALA A 49 -7.97 14.87 15.95
CA ALA A 49 -8.17 15.28 17.32
C ALA A 49 -6.87 15.90 17.86
N GLY A 50 -5.99 15.03 18.33
CA GLY A 50 -4.72 15.48 18.87
C GLY A 50 -3.70 14.33 18.90
N GLU A 51 -2.47 14.67 18.56
CA GLU A 51 -1.40 13.69 18.54
C GLU A 51 -1.23 13.05 19.92
N SER A 52 -1.13 11.73 19.92
CA SER A 52 -0.98 11.00 21.16
C SER A 52 -1.94 11.54 22.22
N LYS A 1 13.07 -15.91 -12.98
CA LYS A 1 11.63 -15.84 -13.07
C LYS A 1 11.23 -14.51 -13.72
N VAL A 2 11.72 -14.30 -14.94
CA VAL A 2 11.42 -13.09 -15.67
C VAL A 2 9.92 -12.83 -15.64
N ASN A 3 9.16 -13.86 -16.00
CA ASN A 3 7.72 -13.76 -16.01
C ASN A 3 7.26 -12.93 -14.81
N MET A 4 7.54 -13.46 -13.62
CA MET A 4 7.15 -12.79 -12.39
C MET A 4 7.70 -11.37 -12.36
N ASP A 5 8.96 -11.24 -12.79
CA ASP A 5 9.61 -9.94 -12.81
C ASP A 5 8.75 -8.95 -13.60
N LEU A 6 8.16 -9.46 -14.67
CA LEU A 6 7.31 -8.64 -15.53
C LEU A 6 6.03 -8.28 -14.78
N ARG A 7 5.36 -9.32 -14.30
CA ARG A 7 4.12 -9.14 -13.57
C ARG A 7 4.26 -7.99 -12.56
N ALA A 8 5.26 -8.13 -11.70
CA ALA A 8 5.53 -7.12 -10.69
C ALA A 8 5.82 -5.78 -11.38
N ASN A 9 6.66 -5.84 -12.39
CA ASN A 9 7.03 -4.66 -13.14
C ASN A 9 5.79 -3.79 -13.36
N LEU A 10 4.74 -4.44 -13.86
CA LEU A 10 3.50 -3.74 -14.13
C LEU A 10 2.70 -3.60 -12.82
N LYS A 11 2.15 -4.72 -12.38
CA LYS A 11 1.36 -4.74 -11.15
C LYS A 11 1.99 -3.78 -10.14
N GLN A 12 2.92 -4.31 -9.36
CA GLN A 12 3.60 -3.51 -8.36
C GLN A 12 2.58 -2.85 -7.42
N VAL A 13 3.08 -1.94 -6.61
CA VAL A 13 2.22 -1.23 -5.67
C VAL A 13 0.83 -1.04 -6.29
N LYS A 14 -0.11 -1.84 -5.80
CA LYS A 14 -1.47 -1.78 -6.30
C LYS A 14 -2.44 -1.73 -5.11
N LYS A 15 -3.19 -0.64 -5.05
CA LYS A 15 -4.14 -0.45 -3.98
C LYS A 15 -5.37 0.28 -4.52
N GLU A 16 -6.46 0.21 -3.75
CA GLU A 16 -7.69 0.87 -4.14
C GLU A 16 -8.03 2.00 -3.17
N ASP A 17 -7.53 1.86 -1.95
CA ASP A 17 -7.76 2.86 -0.92
C ASP A 17 -7.63 2.20 0.45
N THR A 18 -7.99 2.97 1.48
CA THR A 18 -7.92 2.48 2.84
C THR A 18 -8.18 0.98 2.88
N GLU A 19 -7.31 0.28 3.60
CA GLU A 19 -7.43 -1.16 3.73
C GLU A 19 -7.10 -1.85 2.40
N LYS A 20 -7.82 -1.45 1.36
CA LYS A 20 -7.62 -2.01 0.04
C LYS A 20 -6.21 -1.67 -0.43
N GLU A 21 -5.25 -2.44 0.07
CA GLU A 21 -3.85 -2.24 -0.30
C GLU A 21 -3.21 -3.56 -0.69
N LYS A 22 -3.00 -3.72 -1.99
CA LYS A 22 -2.39 -4.94 -2.51
C LYS A 22 -0.87 -4.74 -2.60
N ASP A 23 -0.16 -5.46 -1.74
CA ASP A 23 1.29 -5.38 -1.72
C ASP A 23 1.87 -6.49 -2.60
N LEU A 24 2.64 -6.07 -3.59
CA LEU A 24 3.26 -7.01 -4.50
C LEU A 24 4.30 -7.85 -3.74
N ARG A 25 5.34 -8.22 -4.46
CA ARG A 25 6.41 -9.02 -3.87
C ARG A 25 7.49 -8.12 -3.29
N ASP A 26 7.61 -6.93 -3.88
CA ASP A 26 8.61 -5.97 -3.44
C ASP A 26 8.23 -5.47 -2.05
N VAL A 27 7.15 -6.03 -1.52
CA VAL A 27 6.68 -5.65 -0.20
C VAL A 27 7.86 -5.16 0.65
N GLY A 28 8.46 -6.09 1.37
CA GLY A 28 9.60 -5.77 2.21
C GLY A 28 9.59 -4.29 2.61
N ASP A 29 10.26 -3.48 1.81
CA ASP A 29 10.34 -2.06 2.06
C ASP A 29 9.08 -1.38 1.52
N TRP A 30 8.88 -1.54 0.22
CA TRP A 30 7.72 -0.95 -0.44
C TRP A 30 6.54 -1.04 0.52
N ARG A 31 6.29 -2.26 0.99
CA ARG A 31 5.19 -2.49 1.91
C ARG A 31 5.38 -1.67 3.19
N LYS A 32 6.38 -2.07 3.97
CA LYS A 32 6.68 -1.38 5.21
C LYS A 32 6.17 0.06 5.12
N ASN A 33 6.49 0.70 4.02
CA ASN A 33 6.06 2.07 3.80
C ASN A 33 4.54 2.14 3.75
N ILE A 34 3.99 1.65 2.64
CA ILE A 34 2.55 1.65 2.45
C ILE A 34 1.89 0.90 3.62
N GLU A 35 2.29 -0.34 3.78
CA GLU A 35 1.76 -1.17 4.85
C GLU A 35 1.53 -0.33 6.10
N GLU A 36 2.54 0.46 6.43
CA GLU A 36 2.46 1.31 7.61
C GLU A 36 1.41 2.41 7.41
N LYS A 37 1.80 3.43 6.66
CA LYS A 37 0.91 4.54 6.38
C LYS A 37 -0.51 4.01 6.15
N SER A 38 -0.58 2.97 5.33
CA SER A 38 -1.86 2.35 5.02
C SER A 38 -2.74 2.31 6.26
N GLY A 39 -2.31 1.50 7.22
CA GLY A 39 -3.05 1.34 8.46
C GLY A 39 -3.23 2.70 9.15
N MET A 40 -2.16 3.47 9.17
CA MET A 40 -2.19 4.78 9.78
C MET A 40 -3.31 5.65 9.20
N GLU A 41 -3.31 5.74 7.87
CA GLU A 41 -4.32 6.52 7.19
C GLU A 41 -5.73 6.08 7.60
N GLY A 42 -5.83 4.80 7.93
CA GLY A 42 -7.10 4.23 8.35
C GLY A 42 -7.47 4.70 9.76
N ARG A 43 -6.47 4.68 10.64
CA ARG A 43 -6.68 5.10 12.01
C ARG A 43 -6.98 6.60 12.07
N LYS A 44 -6.35 7.33 11.16
CA LYS A 44 -6.54 8.78 11.10
C LYS A 44 -7.93 9.07 10.54
N LYS A 45 -8.30 8.34 9.49
CA LYS A 45 -9.58 8.51 8.86
C LYS A 45 -10.67 7.88 9.74
N MET A 46 -10.22 7.05 10.68
CA MET A 46 -11.13 6.37 11.57
C MET A 46 -11.60 7.30 12.69
N PHE A 47 -10.63 7.75 13.49
CA PHE A 47 -10.93 8.64 14.60
C PHE A 47 -11.37 10.02 14.09
N GLU A 48 -10.78 10.42 12.97
CA GLU A 48 -11.09 11.70 12.36
C GLU A 48 -11.45 12.72 13.45
N ALA A 49 -10.42 13.41 13.93
CA ALA A 49 -10.61 14.41 14.96
C ALA A 49 -9.61 15.55 14.76
N GLY A 50 -8.36 15.16 14.55
CA GLY A 50 -7.30 16.13 14.34
C GLY A 50 -6.03 15.72 15.08
N GLU A 51 -4.92 15.75 14.36
CA GLU A 51 -3.64 15.40 14.94
C GLU A 51 -2.52 15.58 13.91
N SER A 52 -2.04 16.80 13.82
CA SER A 52 -0.97 17.12 12.88
C SER A 52 -1.31 16.56 11.49
N LYS A 1 6.49 -19.22 -12.91
CA LYS A 1 5.49 -18.17 -12.92
C LYS A 1 6.16 -16.83 -13.25
N VAL A 2 6.87 -16.83 -14.36
CA VAL A 2 7.56 -15.62 -14.81
C VAL A 2 6.53 -14.53 -15.10
N ASN A 3 5.60 -14.86 -15.98
CA ASN A 3 4.56 -13.92 -16.36
C ASN A 3 4.10 -13.14 -15.12
N MET A 4 4.20 -13.81 -13.98
CA MET A 4 3.80 -13.20 -12.72
C MET A 4 4.91 -12.32 -12.16
N ASP A 5 6.06 -12.93 -11.93
CA ASP A 5 7.21 -12.21 -11.39
C ASP A 5 7.36 -10.88 -12.14
N LEU A 6 7.09 -10.93 -13.43
CA LEU A 6 7.19 -9.73 -14.26
C LEU A 6 5.95 -8.86 -14.04
N ARG A 7 4.80 -9.47 -14.26
CA ARG A 7 3.53 -8.76 -14.09
C ARG A 7 3.61 -7.83 -12.87
N ALA A 8 4.23 -8.33 -11.82
CA ALA A 8 4.38 -7.55 -10.60
C ALA A 8 5.58 -6.62 -10.74
N ASN A 9 6.70 -7.20 -11.16
CA ASN A 9 7.92 -6.43 -11.34
C ASN A 9 7.57 -5.07 -11.96
N LEU A 10 6.52 -5.07 -12.76
CA LEU A 10 6.08 -3.86 -13.42
C LEU A 10 4.97 -3.20 -12.59
N LYS A 11 3.86 -3.92 -12.49
CA LYS A 11 2.72 -3.42 -11.73
C LYS A 11 3.22 -2.63 -10.52
N GLN A 12 3.55 -3.36 -9.47
CA GLN A 12 4.05 -2.74 -8.25
C GLN A 12 2.97 -1.84 -7.64
N VAL A 13 2.96 -1.79 -6.32
CA VAL A 13 1.99 -0.97 -5.61
C VAL A 13 0.65 -1.01 -6.35
N LYS A 14 -0.20 -1.92 -5.91
CA LYS A 14 -1.51 -2.08 -6.51
C LYS A 14 -2.59 -1.80 -5.47
N LYS A 15 -3.46 -0.84 -5.80
CA LYS A 15 -4.53 -0.48 -4.89
C LYS A 15 -5.44 0.54 -5.58
N GLU A 16 -6.59 0.78 -4.97
CA GLU A 16 -7.55 1.73 -5.51
C GLU A 16 -8.80 1.77 -4.62
N ASP A 17 -8.57 1.70 -3.32
CA ASP A 17 -9.66 1.72 -2.36
C ASP A 17 -10.59 0.54 -2.61
N THR A 18 -11.33 0.62 -3.70
CA THR A 18 -12.26 -0.44 -4.06
C THR A 18 -11.61 -1.81 -3.84
N GLU A 19 -10.45 -1.98 -4.45
CA GLU A 19 -9.72 -3.23 -4.33
C GLU A 19 -8.83 -3.21 -3.09
N LYS A 20 -8.88 -2.09 -2.38
CA LYS A 20 -8.09 -1.94 -1.17
C LYS A 20 -6.61 -1.82 -1.54
N GLU A 21 -5.76 -2.13 -0.56
CA GLU A 21 -4.33 -2.07 -0.77
C GLU A 21 -3.77 -3.46 -1.05
N LYS A 22 -2.89 -3.53 -2.04
CA LYS A 22 -2.27 -4.78 -2.41
C LYS A 22 -0.75 -4.59 -2.55
N ASP A 23 -0.04 -5.11 -1.55
CA ASP A 23 1.42 -5.00 -1.55
C ASP A 23 2.01 -6.19 -2.30
N LEU A 24 2.18 -6.00 -3.61
CA LEU A 24 2.74 -7.04 -4.45
C LEU A 24 4.19 -7.32 -4.02
N ARG A 25 4.97 -7.80 -4.98
CA ARG A 25 6.36 -8.11 -4.71
C ARG A 25 7.12 -6.84 -4.30
N ASP A 26 8.37 -7.04 -3.89
CA ASP A 26 9.20 -5.93 -3.47
C ASP A 26 8.70 -5.40 -2.12
N VAL A 27 7.72 -6.09 -1.58
CA VAL A 27 7.14 -5.70 -0.31
C VAL A 27 8.25 -5.17 0.61
N GLY A 28 8.84 -6.08 1.36
CA GLY A 28 9.91 -5.72 2.28
C GLY A 28 9.77 -4.27 2.73
N ASP A 29 10.45 -3.39 2.00
CA ASP A 29 10.41 -1.97 2.31
C ASP A 29 9.16 -1.35 1.70
N TRP A 30 9.05 -1.47 0.38
CA TRP A 30 7.92 -0.92 -0.33
C TRP A 30 6.68 -1.10 0.54
N ARG A 31 6.51 -2.32 1.04
CA ARG A 31 5.38 -2.64 1.89
C ARG A 31 5.44 -1.84 3.18
N LYS A 32 6.48 -2.11 3.97
CA LYS A 32 6.66 -1.41 5.23
C LYS A 32 6.12 0.00 5.11
N ASN A 33 6.40 0.61 3.97
CA ASN A 33 5.95 1.98 3.72
C ASN A 33 4.42 2.00 3.66
N ILE A 34 3.91 1.57 2.51
CA ILE A 34 2.47 1.54 2.31
C ILE A 34 1.80 0.89 3.53
N GLU A 35 2.23 -0.33 3.80
CA GLU A 35 1.68 -1.08 4.93
C GLU A 35 1.45 -0.14 6.12
N GLU A 36 2.48 0.63 6.43
CA GLU A 36 2.40 1.57 7.54
C GLU A 36 1.38 2.67 7.23
N LYS A 37 1.80 3.59 6.37
CA LYS A 37 0.95 4.70 5.98
C LYS A 37 -0.47 4.17 5.70
N SER A 38 -0.58 3.47 4.58
CA SER A 38 -1.87 2.90 4.18
C SER A 38 -2.28 1.79 5.16
N GLY A 39 -3.48 1.92 5.67
CA GLY A 39 -4.01 0.95 6.61
C GLY A 39 -4.68 1.63 7.81
N MET A 40 -4.13 1.38 8.98
CA MET A 40 -4.67 1.98 10.20
C MET A 40 -5.13 3.42 9.96
N GLU A 41 -4.38 4.11 9.11
CA GLU A 41 -4.70 5.48 8.78
C GLU A 41 -6.03 5.56 8.02
N GLY A 42 -6.00 5.06 6.79
CA GLY A 42 -7.19 5.07 5.96
C GLY A 42 -8.42 4.66 6.76
N ARG A 43 -8.22 3.69 7.65
CA ARG A 43 -9.31 3.21 8.49
C ARG A 43 -9.72 4.28 9.50
N LYS A 44 -8.72 4.90 10.09
CA LYS A 44 -8.96 5.94 11.08
C LYS A 44 -9.82 7.04 10.46
N LYS A 45 -9.53 7.33 9.20
CA LYS A 45 -10.28 8.36 8.48
C LYS A 45 -11.63 7.78 8.05
N MET A 46 -11.64 6.48 7.81
CA MET A 46 -12.85 5.81 7.39
C MET A 46 -13.92 5.87 8.48
N PHE A 47 -13.58 5.31 9.63
CA PHE A 47 -14.50 5.30 10.76
C PHE A 47 -14.63 6.69 11.37
N GLU A 48 -13.54 7.43 11.34
CA GLU A 48 -13.53 8.78 11.89
C GLU A 48 -14.29 8.82 13.20
N ALA A 49 -13.58 8.56 14.28
CA ALA A 49 -14.18 8.57 15.61
C ALA A 49 -13.08 8.43 16.66
N GLY A 50 -12.10 9.32 16.56
CA GLY A 50 -10.98 9.32 17.49
C GLY A 50 -11.39 9.94 18.83
N GLU A 51 -10.57 9.68 19.84
CA GLU A 51 -10.83 10.21 21.17
C GLU A 51 -10.06 11.51 21.39
N SER A 52 -10.80 12.60 21.43
CA SER A 52 -10.20 13.91 21.63
C SER A 52 -10.68 14.51 22.95
N LYS A 1 11.27 -10.68 -21.69
CA LYS A 1 9.99 -10.70 -21.00
C LYS A 1 9.59 -9.27 -20.65
N VAL A 2 9.23 -8.51 -21.68
CA VAL A 2 8.82 -7.14 -21.50
C VAL A 2 7.50 -7.09 -20.71
N ASN A 3 6.49 -7.73 -21.28
CA ASN A 3 5.18 -7.77 -20.65
C ASN A 3 5.36 -7.97 -19.14
N MET A 4 6.45 -8.65 -18.79
CA MET A 4 6.75 -8.91 -17.39
C MET A 4 7.39 -7.68 -16.73
N ASP A 5 8.39 -7.14 -17.41
CA ASP A 5 9.10 -5.98 -16.90
C ASP A 5 8.10 -4.85 -16.66
N LEU A 6 7.13 -4.75 -17.55
CA LEU A 6 6.11 -3.73 -17.45
C LEU A 6 5.16 -4.08 -16.28
N ARG A 7 4.56 -5.25 -16.38
CA ARG A 7 3.64 -5.71 -15.36
C ARG A 7 4.25 -5.51 -13.97
N ALA A 8 5.55 -5.72 -13.90
CA ALA A 8 6.27 -5.57 -12.65
C ALA A 8 6.30 -4.10 -12.25
N ASN A 9 6.92 -3.30 -13.11
CA ASN A 9 7.04 -1.87 -12.87
C ASN A 9 5.71 -1.35 -12.32
N LEU A 10 4.69 -1.40 -13.18
CA LEU A 10 3.37 -0.92 -12.80
C LEU A 10 2.94 -1.62 -11.50
N LYS A 11 2.71 -2.92 -11.61
CA LYS A 11 2.30 -3.71 -10.47
C LYS A 11 3.41 -3.68 -9.41
N GLN A 12 3.32 -4.63 -8.48
CA GLN A 12 4.30 -4.73 -7.42
C GLN A 12 4.17 -3.53 -6.47
N VAL A 13 2.97 -2.96 -6.45
CA VAL A 13 2.72 -1.82 -5.59
C VAL A 13 1.41 -1.15 -6.01
N LYS A 14 0.34 -1.50 -5.30
CA LYS A 14 -0.96 -0.95 -5.59
C LYS A 14 -1.82 -0.97 -4.32
N LYS A 15 -2.76 -0.04 -4.26
CA LYS A 15 -3.64 0.06 -3.12
C LYS A 15 -4.62 1.21 -3.33
N GLU A 16 -5.58 1.32 -2.41
CA GLU A 16 -6.58 2.36 -2.49
C GLU A 16 -6.50 3.28 -1.27
N ASP A 17 -6.98 2.75 -0.14
CA ASP A 17 -6.96 3.50 1.10
C ASP A 17 -7.97 2.88 2.07
N THR A 18 -9.16 2.63 1.55
CA THR A 18 -10.22 2.04 2.35
C THR A 18 -9.88 0.60 2.72
N GLU A 19 -8.77 0.45 3.43
CA GLU A 19 -8.33 -0.87 3.85
C GLU A 19 -7.78 -1.66 2.65
N LYS A 20 -7.77 -0.99 1.51
CA LYS A 20 -7.28 -1.61 0.28
C LYS A 20 -5.76 -1.47 0.22
N GLU A 21 -5.09 -2.60 0.36
CA GLU A 21 -3.63 -2.62 0.33
C GLU A 21 -3.14 -3.81 -0.49
N LYS A 22 -2.83 -3.53 -1.75
CA LYS A 22 -2.35 -4.56 -2.65
C LYS A 22 -0.82 -4.60 -2.61
N ASP A 23 -0.31 -5.58 -1.87
CA ASP A 23 1.13 -5.75 -1.73
C ASP A 23 1.60 -6.84 -2.68
N LEU A 24 2.89 -6.78 -3.01
CA LEU A 24 3.47 -7.76 -3.91
C LEU A 24 4.64 -8.45 -3.20
N ARG A 25 4.99 -9.62 -3.71
CA ARG A 25 6.08 -10.38 -3.14
C ARG A 25 7.13 -9.45 -2.54
N ASP A 26 7.69 -8.62 -3.40
CA ASP A 26 8.71 -7.67 -2.97
C ASP A 26 8.32 -7.10 -1.60
N VAL A 27 7.36 -6.19 -1.63
CA VAL A 27 6.90 -5.57 -0.40
C VAL A 27 8.07 -4.89 0.30
N GLY A 28 8.87 -5.69 0.97
CA GLY A 28 10.02 -5.18 1.69
C GLY A 28 9.80 -3.73 2.12
N ASP A 29 10.40 -2.82 1.36
CA ASP A 29 10.28 -1.41 1.65
C ASP A 29 8.93 -0.89 1.14
N TRP A 30 8.69 -1.16 -0.14
CA TRP A 30 7.44 -0.74 -0.76
C TRP A 30 6.31 -0.92 0.27
N ARG A 31 6.16 -2.15 0.71
CA ARG A 31 5.13 -2.47 1.68
C ARG A 31 5.34 -1.65 2.97
N LYS A 32 6.36 -2.04 3.71
CA LYS A 32 6.68 -1.36 4.96
C LYS A 32 6.08 0.06 4.93
N ASN A 33 6.40 0.77 3.85
CA ASN A 33 5.92 2.12 3.69
C ASN A 33 4.38 2.12 3.75
N ILE A 34 3.78 1.61 2.69
CA ILE A 34 2.33 1.54 2.61
C ILE A 34 1.80 0.69 3.76
N GLU A 35 2.33 -0.53 3.84
CA GLU A 35 1.92 -1.45 4.88
C GLU A 35 1.46 -0.69 6.12
N GLU A 36 2.33 0.19 6.60
CA GLU A 36 2.03 0.98 7.77
C GLU A 36 1.02 2.07 7.43
N LYS A 37 1.44 2.96 6.53
CA LYS A 37 0.58 4.05 6.10
C LYS A 37 -0.29 3.59 4.94
N SER A 38 -1.59 3.52 5.20
CA SER A 38 -2.53 3.09 4.19
C SER A 38 -3.94 3.04 4.78
N GLY A 39 -4.19 2.00 5.56
CA GLY A 39 -5.48 1.83 6.19
C GLY A 39 -5.46 2.31 7.65
N MET A 40 -4.43 1.86 8.36
CA MET A 40 -4.28 2.23 9.76
C MET A 40 -4.29 3.75 9.93
N GLU A 41 -3.26 4.39 9.39
CA GLU A 41 -3.15 5.83 9.47
C GLU A 41 -4.47 6.49 9.11
N GLY A 42 -5.17 5.87 8.16
CA GLY A 42 -6.45 6.39 7.71
C GLY A 42 -7.50 6.31 8.83
N ARG A 43 -7.58 5.13 9.43
CA ARG A 43 -8.53 4.91 10.50
C ARG A 43 -8.30 5.91 11.63
N LYS A 44 -7.06 5.96 12.10
CA LYS A 44 -6.70 6.87 13.17
C LYS A 44 -6.94 8.31 12.72
N LYS A 45 -6.59 8.57 11.47
CA LYS A 45 -6.75 9.89 10.89
C LYS A 45 -8.17 10.39 11.18
N MET A 46 -9.14 9.70 10.59
CA MET A 46 -10.53 10.05 10.77
C MET A 46 -10.92 10.00 12.25
N PHE A 47 -10.53 8.91 12.90
CA PHE A 47 -10.84 8.74 14.31
C PHE A 47 -10.35 9.94 15.13
N GLU A 48 -9.07 9.90 15.48
CA GLU A 48 -8.48 10.97 16.26
C GLU A 48 -9.47 11.47 17.30
N ALA A 49 -9.96 10.55 18.12
CA ALA A 49 -10.90 10.89 19.16
C ALA A 49 -10.49 12.21 19.81
N GLY A 50 -11.29 13.23 19.56
CA GLY A 50 -11.02 14.55 20.11
C GLY A 50 -10.98 15.61 19.01
N GLU A 51 -10.08 16.57 19.18
CA GLU A 51 -9.93 17.64 18.21
C GLU A 51 -8.74 18.54 18.59
N SER A 52 -8.38 19.40 17.66
CA SER A 52 -7.27 20.32 17.88
C SER A 52 -7.56 21.23 19.08
N LYS A 1 7.06 -20.01 -10.23
CA LYS A 1 5.88 -19.26 -10.63
C LYS A 1 6.32 -17.92 -11.23
N VAL A 2 7.14 -18.02 -12.27
CA VAL A 2 7.64 -16.83 -12.95
C VAL A 2 6.45 -15.99 -13.43
N ASN A 3 5.45 -16.69 -13.96
CA ASN A 3 4.26 -16.02 -14.46
C ASN A 3 3.88 -14.88 -13.51
N MET A 4 3.69 -15.23 -12.25
CA MET A 4 3.32 -14.25 -11.24
C MET A 4 4.48 -13.29 -10.98
N ASP A 5 5.65 -13.87 -10.80
CA ASP A 5 6.84 -13.08 -10.53
C ASP A 5 6.87 -11.87 -11.47
N LEU A 6 6.47 -12.12 -12.70
CA LEU A 6 6.45 -11.07 -13.71
C LEU A 6 5.25 -10.16 -13.46
N ARG A 7 4.08 -10.78 -13.41
CA ARG A 7 2.85 -10.05 -13.19
C ARG A 7 3.08 -8.93 -12.16
N ALA A 8 3.78 -9.29 -11.09
CA ALA A 8 4.08 -8.33 -10.05
C ALA A 8 5.23 -7.42 -10.50
N ASN A 9 6.27 -8.05 -11.02
CA ASN A 9 7.43 -7.33 -11.49
C ASN A 9 6.97 -6.07 -12.25
N LEU A 10 5.80 -6.19 -12.86
CA LEU A 10 5.24 -5.08 -13.62
C LEU A 10 4.21 -4.35 -12.76
N LYS A 11 3.14 -5.07 -12.43
CA LYS A 11 2.08 -4.50 -11.62
C LYS A 11 2.68 -3.52 -10.62
N GLN A 12 3.29 -4.08 -9.58
CA GLN A 12 3.91 -3.27 -8.54
C GLN A 12 2.87 -2.35 -7.89
N VAL A 13 2.95 -2.28 -6.57
CA VAL A 13 2.02 -1.45 -5.81
C VAL A 13 0.70 -1.35 -6.57
N LYS A 14 -0.23 -2.22 -6.20
CA LYS A 14 -1.54 -2.24 -6.84
C LYS A 14 -2.59 -1.74 -5.84
N LYS A 15 -2.68 -0.41 -5.76
CA LYS A 15 -3.64 0.20 -4.85
C LYS A 15 -4.55 1.13 -5.65
N GLU A 16 -5.71 1.42 -5.06
CA GLU A 16 -6.67 2.30 -5.71
C GLU A 16 -6.97 3.51 -4.82
N ASP A 17 -6.31 3.53 -3.66
CA ASP A 17 -6.49 4.62 -2.72
C ASP A 17 -7.90 4.55 -2.13
N THR A 18 -8.17 5.47 -1.20
CA THR A 18 -9.47 5.52 -0.56
C THR A 18 -9.53 4.52 0.60
N GLU A 19 -9.01 3.33 0.34
CA GLU A 19 -8.99 2.27 1.33
C GLU A 19 -8.74 0.92 0.68
N LYS A 20 -7.78 0.90 -0.22
CA LYS A 20 -7.43 -0.32 -0.93
C LYS A 20 -5.96 -0.25 -1.37
N GLU A 21 -5.16 -1.13 -0.79
CA GLU A 21 -3.75 -1.18 -1.11
C GLU A 21 -3.26 -2.63 -1.14
N LYS A 22 -3.25 -3.19 -2.35
CA LYS A 22 -2.81 -4.57 -2.52
C LYS A 22 -1.29 -4.59 -2.67
N ASP A 23 -0.65 -5.33 -1.78
CA ASP A 23 0.79 -5.45 -1.80
C ASP A 23 1.18 -6.64 -2.67
N LEU A 24 1.87 -6.34 -3.76
CA LEU A 24 2.32 -7.38 -4.68
C LEU A 24 3.71 -7.86 -4.27
N ARG A 25 4.19 -8.85 -4.99
CA ARG A 25 5.50 -9.41 -4.72
C ARG A 25 6.45 -8.32 -4.19
N ASP A 26 6.82 -7.42 -5.09
CA ASP A 26 7.71 -6.32 -4.73
C ASP A 26 7.09 -5.53 -3.57
N VAL A 27 7.40 -5.97 -2.36
CA VAL A 27 6.89 -5.30 -1.18
C VAL A 27 8.05 -4.82 -0.32
N GLY A 28 8.79 -5.77 0.24
CA GLY A 28 9.93 -5.45 1.08
C GLY A 28 9.70 -4.15 1.85
N ASP A 29 10.55 -3.17 1.58
CA ASP A 29 10.45 -1.88 2.23
C ASP A 29 9.22 -1.14 1.71
N TRP A 30 9.18 -0.97 0.39
CA TRP A 30 8.08 -0.29 -0.25
C TRP A 30 6.81 -0.55 0.58
N ARG A 31 6.59 -1.82 0.88
CA ARG A 31 5.44 -2.22 1.67
C ARG A 31 5.54 -1.64 3.08
N LYS A 32 6.51 -2.13 3.82
CA LYS A 32 6.72 -1.68 5.19
C LYS A 32 6.22 -0.24 5.32
N ASN A 33 6.56 0.57 4.33
CA ASN A 33 6.15 1.96 4.32
C ASN A 33 4.63 2.04 4.22
N ILE A 34 4.12 1.78 3.03
CA ILE A 34 2.70 1.82 2.78
C ILE A 34 1.98 0.95 3.82
N GLU A 35 2.42 -0.30 3.90
CA GLU A 35 1.83 -1.24 4.84
C GLU A 35 1.49 -0.53 6.15
N GLU A 36 2.48 0.18 6.68
CA GLU A 36 2.29 0.91 7.93
C GLU A 36 1.27 2.04 7.73
N LYS A 37 1.74 3.11 7.12
CA LYS A 37 0.88 4.25 6.88
C LYS A 37 -0.51 3.78 6.47
N SER A 38 -0.54 3.01 5.38
CA SER A 38 -1.79 2.49 4.86
C SER A 38 -2.59 1.85 6.01
N GLY A 39 -3.87 1.67 5.76
CA GLY A 39 -4.76 1.09 6.75
C GLY A 39 -5.04 2.07 7.89
N MET A 40 -4.19 2.03 8.90
CA MET A 40 -4.33 2.90 10.04
C MET A 40 -4.75 4.31 9.61
N GLU A 41 -4.24 4.71 8.45
CA GLU A 41 -4.56 6.02 7.92
C GLU A 41 -6.07 6.25 7.93
N GLY A 42 -6.77 5.41 7.19
CA GLY A 42 -8.22 5.51 7.11
C GLY A 42 -8.87 5.19 8.45
N ARG A 43 -8.37 4.14 9.09
CA ARG A 43 -8.89 3.74 10.38
C ARG A 43 -9.18 4.95 11.25
N LYS A 44 -8.17 5.80 11.39
CA LYS A 44 -8.31 7.01 12.20
C LYS A 44 -9.17 8.02 11.44
N LYS A 45 -8.83 8.21 10.16
CA LYS A 45 -9.56 9.14 9.33
C LYS A 45 -11.05 9.02 9.62
N MET A 46 -11.44 7.83 10.03
CA MET A 46 -12.84 7.57 10.34
C MET A 46 -13.10 7.65 11.84
N PHE A 47 -12.45 6.75 12.57
CA PHE A 47 -12.59 6.72 14.02
C PHE A 47 -12.89 8.11 14.58
N GLU A 48 -12.10 9.07 14.12
CA GLU A 48 -12.26 10.44 14.57
C GLU A 48 -12.47 10.49 16.09
N ALA A 49 -13.74 10.50 16.49
CA ALA A 49 -14.07 10.54 17.90
C ALA A 49 -13.77 9.18 18.53
N GLY A 50 -13.43 9.22 19.81
CA GLY A 50 -13.12 8.00 20.54
C GLY A 50 -12.62 8.32 21.95
N GLU A 51 -13.34 7.80 22.93
CA GLU A 51 -12.99 8.02 24.32
C GLU A 51 -11.63 7.39 24.63
N SER A 52 -10.96 7.95 25.63
CA SER A 52 -9.66 7.45 26.03
C SER A 52 -9.80 6.51 27.22
N LYS A 1 11.71 -15.06 -16.63
CA LYS A 1 11.35 -14.76 -18.01
C LYS A 1 11.12 -13.26 -18.15
N VAL A 2 11.02 -12.82 -19.39
CA VAL A 2 10.80 -11.41 -19.68
C VAL A 2 9.37 -11.04 -19.30
N ASN A 3 8.43 -11.69 -19.96
CA ASN A 3 7.02 -11.43 -19.71
C ASN A 3 6.81 -11.19 -18.22
N MET A 4 7.46 -12.02 -17.41
CA MET A 4 7.35 -11.91 -15.97
C MET A 4 8.09 -10.68 -15.47
N ASP A 5 9.31 -10.50 -15.97
CA ASP A 5 10.12 -9.38 -15.58
C ASP A 5 9.33 -8.08 -15.76
N LEU A 6 8.72 -7.95 -16.93
CA LEU A 6 7.92 -6.77 -17.23
C LEU A 6 6.69 -6.75 -16.33
N ARG A 7 6.10 -7.92 -16.15
CA ARG A 7 4.92 -8.05 -15.32
C ARG A 7 5.15 -7.38 -13.96
N ALA A 8 6.19 -7.84 -13.28
CA ALA A 8 6.54 -7.30 -11.98
C ALA A 8 7.00 -5.85 -12.14
N ASN A 9 7.90 -5.66 -13.09
CA ASN A 9 8.44 -4.32 -13.35
C ASN A 9 7.32 -3.29 -13.15
N LEU A 10 6.18 -3.57 -13.75
CA LEU A 10 5.03 -2.67 -13.64
C LEU A 10 4.23 -3.03 -12.39
N LYS A 11 3.50 -4.13 -12.50
CA LYS A 11 2.69 -4.59 -11.39
C LYS A 11 3.59 -5.01 -10.23
N GLN A 12 3.62 -4.17 -9.20
CA GLN A 12 4.45 -4.45 -8.04
C GLN A 12 4.13 -3.45 -6.92
N VAL A 13 2.89 -2.98 -6.93
CA VAL A 13 2.45 -2.02 -5.92
C VAL A 13 1.10 -1.43 -6.35
N LYS A 14 0.14 -1.54 -5.44
CA LYS A 14 -1.19 -1.02 -5.71
C LYS A 14 -1.98 -0.96 -4.40
N LYS A 15 -3.04 -0.16 -4.42
CA LYS A 15 -3.88 -0.01 -3.25
C LYS A 15 -4.95 1.05 -3.53
N GLU A 16 -6.09 0.88 -2.89
CA GLU A 16 -7.19 1.81 -3.05
C GLU A 16 -7.50 2.51 -1.72
N ASP A 17 -6.76 2.12 -0.70
CA ASP A 17 -6.95 2.71 0.62
C ASP A 17 -8.28 2.23 1.20
N THR A 18 -8.37 2.29 2.53
CA THR A 18 -9.59 1.87 3.21
C THR A 18 -9.83 0.37 3.00
N GLU A 19 -9.13 -0.42 3.81
CA GLU A 19 -9.26 -1.87 3.73
C GLU A 19 -9.14 -2.32 2.26
N LYS A 20 -7.93 -2.20 1.74
CA LYS A 20 -7.67 -2.60 0.37
C LYS A 20 -6.28 -2.13 -0.05
N GLU A 21 -5.29 -2.95 0.28
CA GLU A 21 -3.91 -2.62 -0.06
C GLU A 21 -3.26 -3.77 -0.82
N LYS A 22 -2.91 -3.49 -2.06
CA LYS A 22 -2.29 -4.50 -2.92
C LYS A 22 -0.78 -4.46 -2.70
N ASP A 23 -0.28 -5.51 -2.09
CA ASP A 23 1.15 -5.62 -1.82
C ASP A 23 1.72 -6.81 -2.58
N LEU A 24 2.61 -6.50 -3.51
CA LEU A 24 3.24 -7.53 -4.33
C LEU A 24 4.28 -8.27 -3.49
N ARG A 25 4.67 -9.44 -3.98
CA ARG A 25 5.66 -10.25 -3.28
C ARG A 25 6.69 -9.35 -2.60
N ASP A 26 7.61 -8.84 -3.40
CA ASP A 26 8.66 -7.97 -2.89
C ASP A 26 8.19 -7.35 -1.57
N VAL A 27 7.36 -6.33 -1.70
CA VAL A 27 6.85 -5.64 -0.52
C VAL A 27 8.01 -5.03 0.25
N GLY A 28 8.76 -5.89 0.92
CA GLY A 28 9.90 -5.45 1.71
C GLY A 28 9.69 -4.03 2.22
N ASP A 29 10.35 -3.09 1.56
CA ASP A 29 10.25 -1.69 1.94
C ASP A 29 8.94 -1.11 1.39
N TRP A 30 8.82 -1.18 0.07
CA TRP A 30 7.62 -0.67 -0.60
C TRP A 30 6.43 -0.86 0.35
N ARG A 31 6.31 -2.08 0.84
CA ARG A 31 5.23 -2.41 1.75
C ARG A 31 5.38 -1.64 3.08
N LYS A 32 6.40 -2.03 3.83
CA LYS A 32 6.67 -1.39 5.11
C LYS A 32 6.11 0.03 5.09
N ASN A 33 6.42 0.74 4.01
CA ASN A 33 5.95 2.10 3.85
C ASN A 33 4.42 2.13 3.85
N ILE A 34 3.86 1.65 2.75
CA ILE A 34 2.42 1.60 2.61
C ILE A 34 1.82 0.78 3.76
N GLU A 35 2.32 -0.44 3.89
CA GLU A 35 1.85 -1.33 4.94
C GLU A 35 1.43 -0.53 6.16
N GLU A 36 2.35 0.29 6.64
CA GLU A 36 2.10 1.11 7.81
C GLU A 36 1.13 2.25 7.46
N LYS A 37 1.62 3.17 6.64
CA LYS A 37 0.82 4.31 6.21
C LYS A 37 -0.24 3.83 5.22
N SER A 38 -1.44 3.61 5.76
CA SER A 38 -2.54 3.15 4.94
C SER A 38 -3.81 3.00 5.80
N GLY A 39 -3.81 1.95 6.59
CA GLY A 39 -4.95 1.69 7.46
C GLY A 39 -4.87 2.54 8.74
N MET A 40 -4.17 2.02 9.72
CA MET A 40 -4.02 2.73 10.98
C MET A 40 -3.82 4.22 10.76
N GLU A 41 -2.64 4.56 10.22
CA GLU A 41 -2.32 5.95 9.95
C GLU A 41 -3.47 6.63 9.19
N GLY A 42 -4.26 5.81 8.52
CA GLY A 42 -5.39 6.31 7.76
C GLY A 42 -6.54 6.73 8.69
N ARG A 43 -6.84 5.85 9.64
CA ARG A 43 -7.90 6.10 10.59
C ARG A 43 -7.48 7.24 11.55
N LYS A 44 -6.20 7.26 11.86
CA LYS A 44 -5.67 8.28 12.76
C LYS A 44 -5.62 9.62 12.02
N LYS A 45 -5.16 9.56 10.79
CA LYS A 45 -5.05 10.76 9.97
C LYS A 45 -6.44 11.16 9.47
N MET A 46 -7.37 10.22 9.57
CA MET A 46 -8.73 10.47 9.15
C MET A 46 -9.51 11.27 10.20
N PHE A 47 -9.63 10.69 11.36
CA PHE A 47 -10.35 11.34 12.46
C PHE A 47 -9.55 12.54 12.98
N GLU A 48 -8.24 12.42 12.93
CA GLU A 48 -7.37 13.48 13.39
C GLU A 48 -7.99 14.18 14.60
N ALA A 49 -7.64 13.69 15.78
CA ALA A 49 -8.15 14.26 17.01
C ALA A 49 -7.08 14.16 18.10
N GLY A 50 -6.75 12.92 18.44
CA GLY A 50 -5.74 12.68 19.46
C GLY A 50 -4.45 13.44 19.16
N GLU A 51 -3.91 14.07 20.19
CA GLU A 51 -2.68 14.83 20.05
C GLU A 51 -2.85 15.90 18.96
N SER A 52 -1.85 16.76 18.86
CA SER A 52 -1.86 17.83 17.88
C SER A 52 -1.44 17.29 16.51
N LYS A 1 14.12 -1.54 -19.71
CA LYS A 1 12.73 -1.11 -19.75
C LYS A 1 11.82 -2.33 -19.54
N VAL A 2 12.17 -3.41 -20.21
CA VAL A 2 11.40 -4.64 -20.09
C VAL A 2 9.91 -4.31 -20.07
N ASN A 3 9.47 -3.62 -21.12
CA ASN A 3 8.08 -3.22 -21.22
C ASN A 3 7.59 -2.69 -19.87
N MET A 4 7.90 -1.43 -19.63
CA MET A 4 7.49 -0.79 -18.38
C MET A 4 7.96 -1.60 -17.18
N ASP A 5 9.25 -1.47 -16.88
CA ASP A 5 9.83 -2.19 -15.76
C ASP A 5 9.11 -3.51 -15.57
N LEU A 6 9.05 -4.28 -16.66
CA LEU A 6 8.39 -5.57 -16.63
C LEU A 6 7.09 -5.45 -15.85
N ARG A 7 6.16 -4.69 -16.41
CA ARG A 7 4.87 -4.49 -15.78
C ARG A 7 5.05 -3.93 -14.37
N ALA A 8 6.20 -3.32 -14.15
CA ALA A 8 6.51 -2.74 -12.86
C ALA A 8 6.67 -3.86 -11.83
N ASN A 9 7.87 -4.44 -11.82
CA ASN A 9 8.16 -5.52 -10.89
C ASN A 9 6.93 -6.40 -10.72
N LEU A 10 6.26 -6.66 -11.85
CA LEU A 10 5.07 -7.48 -11.84
C LEU A 10 3.93 -6.71 -11.20
N LYS A 11 3.23 -5.94 -12.02
CA LYS A 11 2.11 -5.14 -11.55
C LYS A 11 2.64 -4.02 -10.65
N GLN A 12 3.26 -4.42 -9.56
CA GLN A 12 3.80 -3.46 -8.61
C GLN A 12 2.68 -2.86 -7.76
N VAL A 13 3.09 -2.11 -6.74
CA VAL A 13 2.14 -1.47 -5.85
C VAL A 13 0.79 -1.37 -6.56
N LYS A 14 -0.23 -1.93 -5.91
CA LYS A 14 -1.57 -1.91 -6.46
C LYS A 14 -2.57 -1.68 -5.33
N LYS A 15 -3.26 -0.54 -5.40
CA LYS A 15 -4.24 -0.20 -4.40
C LYS A 15 -4.92 1.12 -4.78
N GLU A 16 -5.68 1.66 -3.85
CA GLU A 16 -6.38 2.91 -4.07
C GLU A 16 -6.35 3.77 -2.82
N ASP A 17 -5.50 3.37 -1.88
CA ASP A 17 -5.35 4.10 -0.63
C ASP A 17 -6.59 3.87 0.23
N THR A 18 -6.36 3.84 1.53
CA THR A 18 -7.45 3.62 2.48
C THR A 18 -8.03 2.22 2.31
N GLU A 19 -7.65 1.35 3.23
CA GLU A 19 -8.13 -0.03 3.19
C GLU A 19 -7.58 -0.75 1.95
N LYS A 20 -8.07 -0.33 0.80
CA LYS A 20 -7.65 -0.92 -0.45
C LYS A 20 -6.12 -0.88 -0.54
N GLU A 21 -5.50 -1.91 0.01
CA GLU A 21 -4.06 -2.00 0.01
C GLU A 21 -3.61 -3.40 -0.45
N LYS A 22 -2.98 -3.44 -1.61
CA LYS A 22 -2.51 -4.69 -2.17
C LYS A 22 -1.01 -4.59 -2.44
N ASP A 23 -0.24 -5.32 -1.65
CA ASP A 23 1.20 -5.33 -1.80
C ASP A 23 1.63 -6.60 -2.53
N LEU A 24 2.34 -6.39 -3.63
CA LEU A 24 2.82 -7.51 -4.44
C LEU A 24 4.26 -7.84 -4.02
N ARG A 25 5.17 -7.65 -4.96
CA ARG A 25 6.57 -7.93 -4.70
C ARG A 25 7.32 -6.64 -4.35
N ASP A 26 8.52 -6.82 -3.82
CA ASP A 26 9.34 -5.68 -3.43
C ASP A 26 8.83 -5.12 -2.11
N VAL A 27 7.79 -5.77 -1.59
CA VAL A 27 7.20 -5.34 -0.33
C VAL A 27 8.29 -4.80 0.59
N GLY A 28 8.89 -5.72 1.34
CA GLY A 28 9.96 -5.35 2.26
C GLY A 28 9.82 -3.89 2.70
N ASP A 29 10.46 -3.02 1.96
CA ASP A 29 10.42 -1.60 2.27
C ASP A 29 9.16 -0.98 1.65
N TRP A 30 9.02 -1.18 0.34
CA TRP A 30 7.88 -0.65 -0.38
C TRP A 30 6.64 -0.83 0.51
N ARG A 31 6.42 -2.08 0.91
CA ARG A 31 5.28 -2.39 1.76
C ARG A 31 5.41 -1.70 3.12
N LYS A 32 6.39 -2.16 3.89
CA LYS A 32 6.63 -1.59 5.20
C LYS A 32 6.13 -0.14 5.23
N ASN A 33 6.50 0.59 4.19
CA ASN A 33 6.10 1.99 4.09
C ASN A 33 4.58 2.07 4.00
N ILE A 34 4.06 1.78 2.81
CA ILE A 34 2.63 1.82 2.58
C ILE A 34 1.92 1.04 3.68
N GLU A 35 2.35 -0.21 3.86
CA GLU A 35 1.76 -1.06 4.87
C GLU A 35 1.38 -0.24 6.11
N GLU A 36 2.35 0.51 6.60
CA GLU A 36 2.13 1.35 7.77
C GLU A 36 1.57 2.70 7.35
N LYS A 37 1.81 3.05 6.10
CA LYS A 37 1.34 4.31 5.56
C LYS A 37 -0.19 4.30 5.49
N SER A 38 -0.68 3.64 4.45
CA SER A 38 -2.12 3.53 4.25
C SER A 38 -2.80 3.10 5.55
N GLY A 39 -3.90 3.78 5.86
CA GLY A 39 -4.64 3.46 7.07
C GLY A 39 -4.72 4.69 8.00
N MET A 40 -3.66 4.86 8.78
CA MET A 40 -3.59 5.98 9.70
C MET A 40 -3.94 7.29 9.01
N GLU A 41 -3.50 7.39 7.76
CA GLU A 41 -3.75 8.59 6.97
C GLU A 41 -5.26 8.78 6.77
N GLY A 42 -5.83 7.91 5.94
CA GLY A 42 -7.25 7.96 5.65
C GLY A 42 -8.06 8.25 6.92
N ARG A 43 -7.60 7.68 8.03
CA ARG A 43 -8.26 7.87 9.30
C ARG A 43 -8.23 9.34 9.70
N LYS A 44 -7.01 9.85 9.86
CA LYS A 44 -6.82 11.23 10.25
C LYS A 44 -7.57 12.14 9.27
N LYS A 45 -7.65 11.68 8.03
CA LYS A 45 -8.33 12.44 6.99
C LYS A 45 -9.81 12.62 7.39
N MET A 46 -10.53 11.51 7.37
CA MET A 46 -11.94 11.53 7.72
C MET A 46 -12.15 12.14 9.11
N PHE A 47 -11.13 12.00 9.95
CA PHE A 47 -11.18 12.51 11.30
C PHE A 47 -11.07 14.04 11.30
N GLU A 48 -9.84 14.52 11.27
CA GLU A 48 -9.59 15.95 11.27
C GLU A 48 -10.42 16.63 12.37
N ALA A 49 -10.67 15.88 13.43
CA ALA A 49 -11.44 16.39 14.54
C ALA A 49 -11.63 15.29 15.58
N GLY A 50 -10.91 15.44 16.69
CA GLY A 50 -10.98 14.47 17.78
C GLY A 50 -9.59 14.11 18.28
N GLU A 51 -9.57 13.23 19.27
CA GLU A 51 -8.31 12.79 19.86
C GLU A 51 -8.01 11.34 19.45
N SER A 52 -6.75 11.09 19.14
CA SER A 52 -6.33 9.76 18.74
C SER A 52 -6.32 8.83 19.96
N LYS A 1 11.25 -13.65 -19.57
CA LYS A 1 9.97 -13.51 -18.89
C LYS A 1 9.62 -12.03 -18.77
N VAL A 2 9.60 -11.37 -19.91
CA VAL A 2 9.28 -9.94 -19.95
C VAL A 2 7.84 -9.74 -19.48
N ASN A 3 6.92 -10.40 -20.17
CA ASN A 3 5.51 -10.30 -19.84
C ASN A 3 5.36 -10.28 -18.32
N MET A 4 6.28 -10.94 -17.65
CA MET A 4 6.26 -11.01 -16.20
C MET A 4 6.84 -9.74 -15.58
N ASP A 5 8.10 -9.49 -15.89
CA ASP A 5 8.78 -8.33 -15.36
C ASP A 5 7.85 -7.11 -15.46
N LEU A 6 7.08 -7.08 -16.54
CA LEU A 6 6.14 -5.99 -16.75
C LEU A 6 4.92 -6.18 -15.84
N ARG A 7 4.34 -7.37 -15.92
CA ARG A 7 3.17 -7.70 -15.12
C ARG A 7 3.31 -7.10 -13.71
N ALA A 8 4.45 -7.40 -13.09
CA ALA A 8 4.71 -6.91 -11.75
C ALA A 8 5.01 -5.41 -11.82
N ASN A 9 5.88 -5.06 -12.76
CA ASN A 9 6.27 -3.66 -12.93
C ASN A 9 5.03 -2.77 -12.77
N LEU A 10 3.89 -3.32 -13.16
CA LEU A 10 2.64 -2.59 -13.06
C LEU A 10 1.91 -3.01 -11.79
N LYS A 11 1.50 -4.27 -11.77
CA LYS A 11 0.79 -4.82 -10.62
C LYS A 11 1.43 -4.28 -9.33
N GLN A 12 2.72 -4.52 -9.21
CA GLN A 12 3.46 -4.06 -8.04
C GLN A 12 2.84 -2.78 -7.49
N VAL A 13 2.86 -2.67 -6.17
CA VAL A 13 2.31 -1.49 -5.52
C VAL A 13 1.02 -1.08 -6.21
N LYS A 14 -0.08 -1.64 -5.72
CA LYS A 14 -1.39 -1.34 -6.29
C LYS A 14 -2.40 -1.18 -5.16
N LYS A 15 -2.80 0.07 -4.93
CA LYS A 15 -3.76 0.38 -3.89
C LYS A 15 -4.65 1.54 -4.34
N GLU A 16 -5.87 1.53 -3.82
CA GLU A 16 -6.83 2.57 -4.16
C GLU A 16 -7.22 3.37 -2.91
N ASP A 17 -6.65 2.96 -1.79
CA ASP A 17 -6.93 3.63 -0.54
C ASP A 17 -8.37 3.33 -0.11
N THR A 18 -8.60 3.39 1.19
CA THR A 18 -9.92 3.12 1.74
C THR A 18 -10.21 1.62 1.72
N GLU A 19 -9.49 0.90 2.57
CA GLU A 19 -9.66 -0.54 2.65
C GLU A 19 -9.58 -1.17 1.26
N LYS A 20 -8.38 -1.16 0.71
CA LYS A 20 -8.16 -1.73 -0.61
C LYS A 20 -6.71 -1.50 -1.02
N GLU A 21 -5.86 -2.44 -0.64
CA GLU A 21 -4.44 -2.36 -0.96
C GLU A 21 -3.93 -3.72 -1.44
N LYS A 22 -2.93 -3.66 -2.30
CA LYS A 22 -2.33 -4.87 -2.85
C LYS A 22 -0.80 -4.73 -2.84
N ASP A 23 -0.18 -5.58 -2.03
CA ASP A 23 1.27 -5.56 -1.91
C ASP A 23 1.84 -6.78 -2.63
N LEU A 24 2.53 -6.52 -3.73
CA LEU A 24 3.14 -7.57 -4.51
C LEU A 24 4.10 -8.37 -3.63
N ARG A 25 5.04 -9.03 -4.29
CA ARG A 25 6.03 -9.83 -3.58
C ARG A 25 7.13 -8.94 -3.01
N ASP A 26 7.44 -7.88 -3.75
CA ASP A 26 8.46 -6.95 -3.34
C ASP A 26 8.22 -6.55 -1.88
N VAL A 27 7.02 -6.05 -1.62
CA VAL A 27 6.66 -5.63 -0.27
C VAL A 27 7.90 -5.13 0.45
N GLY A 28 8.50 -6.02 1.23
CA GLY A 28 9.70 -5.67 1.99
C GLY A 28 9.66 -4.20 2.42
N ASP A 29 10.30 -3.37 1.61
CA ASP A 29 10.34 -1.94 1.89
C ASP A 29 9.06 -1.27 1.39
N TRP A 30 8.83 -1.41 0.09
CA TRP A 30 7.65 -0.83 -0.51
C TRP A 30 6.49 -0.97 0.47
N ARG A 31 6.31 -2.18 0.96
CA ARG A 31 5.24 -2.46 1.90
C ARG A 31 5.45 -1.65 3.18
N LYS A 32 6.48 -2.01 3.92
CA LYS A 32 6.80 -1.33 5.17
C LYS A 32 6.24 0.09 5.12
N ASN A 33 6.47 0.74 3.99
CA ASN A 33 5.98 2.10 3.81
C ASN A 33 4.46 2.11 3.79
N ILE A 34 3.91 1.64 2.67
CA ILE A 34 2.47 1.58 2.52
C ILE A 34 1.86 0.79 3.68
N GLU A 35 2.28 -0.46 3.79
CA GLU A 35 1.79 -1.33 4.85
C GLU A 35 1.58 -0.51 6.13
N GLU A 36 2.57 0.29 6.45
CA GLU A 36 2.51 1.12 7.65
C GLU A 36 1.48 2.24 7.47
N LYS A 37 1.91 3.29 6.77
CA LYS A 37 1.03 4.42 6.51
C LYS A 37 -0.39 3.92 6.25
N SER A 38 -0.46 2.79 5.56
CA SER A 38 -1.75 2.20 5.24
C SER A 38 -2.46 1.76 6.51
N GLY A 39 -3.77 1.93 6.51
CA GLY A 39 -4.58 1.55 7.66
C GLY A 39 -4.67 2.71 8.66
N MET A 40 -3.64 2.82 9.49
CA MET A 40 -3.60 3.87 10.50
C MET A 40 -3.95 5.23 9.89
N GLU A 41 -3.10 5.66 8.96
CA GLU A 41 -3.32 6.93 8.29
C GLU A 41 -4.76 7.05 7.81
N GLY A 42 -5.24 5.96 7.22
CA GLY A 42 -6.60 5.93 6.71
C GLY A 42 -7.61 6.19 7.83
N ARG A 43 -7.76 5.20 8.69
CA ARG A 43 -8.69 5.31 9.80
C ARG A 43 -8.56 6.68 10.47
N LYS A 44 -7.35 7.22 10.43
CA LYS A 44 -7.08 8.51 11.02
C LYS A 44 -7.78 9.60 10.20
N LYS A 45 -7.65 9.47 8.89
CA LYS A 45 -8.27 10.43 7.98
C LYS A 45 -9.76 10.13 7.87
N MET A 46 -10.16 9.01 8.46
CA MET A 46 -11.55 8.60 8.43
C MET A 46 -12.34 9.28 9.55
N PHE A 47 -11.84 9.12 10.77
CA PHE A 47 -12.49 9.70 11.92
C PHE A 47 -12.21 11.20 12.02
N GLU A 48 -10.99 11.57 11.65
CA GLU A 48 -10.58 12.96 11.69
C GLU A 48 -11.25 13.68 12.85
N ALA A 49 -10.57 13.67 13.98
CA ALA A 49 -11.09 14.32 15.18
C ALA A 49 -9.93 14.93 15.96
N GLY A 50 -8.88 14.13 16.14
CA GLY A 50 -7.72 14.58 16.87
C GLY A 50 -6.65 15.14 15.92
N GLU A 51 -6.60 16.45 15.84
CA GLU A 51 -5.64 17.12 14.98
C GLU A 51 -5.04 18.33 15.69
N SER A 52 -3.72 18.35 15.74
CA SER A 52 -3.01 19.45 16.39
C SER A 52 -2.53 20.45 15.33
N LYS A 1 16.62 -4.11 -19.31
CA LYS A 1 15.33 -4.69 -18.99
C LYS A 1 14.34 -3.56 -18.67
N VAL A 2 14.10 -2.72 -19.67
CA VAL A 2 13.19 -1.60 -19.51
C VAL A 2 11.77 -2.13 -19.30
N ASN A 3 11.31 -2.92 -20.27
CA ASN A 3 9.99 -3.49 -20.20
C ASN A 3 9.69 -3.93 -18.76
N MET A 4 10.75 -4.29 -18.05
CA MET A 4 10.62 -4.72 -16.67
C MET A 4 10.51 -3.52 -15.73
N ASP A 5 11.55 -2.70 -15.74
CA ASP A 5 11.59 -1.52 -14.90
C ASP A 5 10.23 -0.82 -14.97
N LEU A 6 9.69 -0.76 -16.17
CA LEU A 6 8.39 -0.12 -16.39
C LEU A 6 7.29 -1.00 -15.81
N ARG A 7 7.28 -2.25 -16.25
CA ARG A 7 6.29 -3.20 -15.79
C ARG A 7 6.08 -3.05 -14.28
N ALA A 8 7.19 -3.09 -13.55
CA ALA A 8 7.14 -2.97 -12.11
C ALA A 8 6.60 -1.58 -11.73
N ASN A 9 7.26 -0.56 -12.27
CA ASN A 9 6.86 0.81 -12.01
C ASN A 9 5.34 0.91 -12.08
N LEU A 10 4.77 0.18 -13.03
CA LEU A 10 3.33 0.18 -13.22
C LEU A 10 2.66 -0.57 -12.06
N LYS A 11 3.18 -1.75 -11.77
CA LYS A 11 2.65 -2.57 -10.70
C LYS A 11 3.43 -2.29 -9.42
N GLN A 12 4.13 -3.31 -8.95
CA GLN A 12 4.92 -3.18 -7.73
C GLN A 12 4.21 -2.28 -6.73
N VAL A 13 2.89 -2.31 -6.78
CA VAL A 13 2.08 -1.50 -5.88
C VAL A 13 0.66 -1.37 -6.46
N LYS A 14 -0.27 -2.01 -5.77
CA LYS A 14 -1.66 -1.96 -6.19
C LYS A 14 -2.56 -1.78 -4.96
N LYS A 15 -3.21 -0.62 -4.92
CA LYS A 15 -4.10 -0.30 -3.81
C LYS A 15 -5.03 0.83 -4.22
N GLU A 16 -5.94 1.17 -3.31
CA GLU A 16 -6.89 2.23 -3.56
C GLU A 16 -7.03 3.13 -2.32
N ASP A 17 -7.68 2.57 -1.31
CA ASP A 17 -7.89 3.30 -0.07
C ASP A 17 -9.10 2.72 0.66
N THR A 18 -9.38 3.28 1.83
CA THR A 18 -10.50 2.83 2.63
C THR A 18 -10.23 1.45 3.21
N GLU A 19 -9.97 0.49 2.32
CA GLU A 19 -9.69 -0.86 2.73
C GLU A 19 -9.30 -1.71 1.52
N LYS A 20 -8.08 -1.48 1.04
CA LYS A 20 -7.58 -2.20 -0.11
C LYS A 20 -6.12 -1.80 -0.37
N GLU A 21 -5.22 -2.63 0.13
CA GLU A 21 -3.80 -2.37 -0.04
C GLU A 21 -3.08 -3.65 -0.49
N LYS A 22 -3.13 -3.87 -1.81
CA LYS A 22 -2.50 -5.04 -2.39
C LYS A 22 -1.01 -4.74 -2.63
N ASP A 23 -0.17 -5.48 -1.93
CA ASP A 23 1.27 -5.31 -2.06
C ASP A 23 1.81 -6.31 -3.09
N LEU A 24 2.87 -5.89 -3.76
CA LEU A 24 3.50 -6.73 -4.78
C LEU A 24 4.21 -7.89 -4.09
N ARG A 25 5.42 -8.14 -4.55
CA ARG A 25 6.23 -9.22 -4.00
C ARG A 25 7.38 -8.66 -3.16
N ASP A 26 7.98 -7.60 -3.68
CA ASP A 26 9.09 -6.96 -3.00
C ASP A 26 8.63 -6.52 -1.60
N VAL A 27 7.49 -5.86 -1.57
CA VAL A 27 6.94 -5.39 -0.31
C VAL A 27 8.09 -4.96 0.61
N GLY A 28 8.57 -5.90 1.40
CA GLY A 28 9.65 -5.63 2.32
C GLY A 28 9.62 -4.18 2.80
N ASP A 29 10.42 -3.35 2.12
CA ASP A 29 10.49 -1.94 2.48
C ASP A 29 9.32 -1.21 1.83
N TRP A 30 9.17 -1.42 0.53
CA TRP A 30 8.09 -0.79 -0.21
C TRP A 30 6.82 -0.86 0.63
N ARG A 31 6.42 -2.09 0.94
CA ARG A 31 5.22 -2.31 1.73
C ARG A 31 5.35 -1.60 3.08
N LYS A 32 6.24 -2.11 3.91
CA LYS A 32 6.46 -1.54 5.22
C LYS A 32 6.00 -0.08 5.22
N ASN A 33 6.49 0.66 4.24
CA ASN A 33 6.14 2.06 4.11
C ASN A 33 4.62 2.20 3.97
N ILE A 34 4.13 1.82 2.80
CA ILE A 34 2.70 1.88 2.53
C ILE A 34 1.96 1.06 3.56
N GLU A 35 2.36 -0.20 3.67
CA GLU A 35 1.73 -1.11 4.62
C GLU A 35 1.19 -0.34 5.83
N GLU A 36 2.10 0.40 6.46
CA GLU A 36 1.73 1.20 7.63
C GLU A 36 1.06 2.50 7.19
N LYS A 37 1.70 3.17 6.25
CA LYS A 37 1.19 4.43 5.74
C LYS A 37 -0.29 4.26 5.38
N SER A 38 -0.52 3.59 4.26
CA SER A 38 -1.87 3.34 3.80
C SER A 38 -2.76 2.88 4.96
N GLY A 39 -3.67 3.75 5.35
CA GLY A 39 -4.58 3.45 6.44
C GLY A 39 -4.76 4.66 7.35
N MET A 40 -3.96 4.70 8.40
CA MET A 40 -4.02 5.80 9.36
C MET A 40 -3.76 7.14 8.67
N GLU A 41 -2.94 7.09 7.63
CA GLU A 41 -2.60 8.28 6.87
C GLU A 41 -3.79 8.72 6.01
N GLY A 42 -4.56 7.73 5.58
CA GLY A 42 -5.73 8.00 4.75
C GLY A 42 -6.89 8.53 5.60
N ARG A 43 -7.03 7.95 6.78
CA ARG A 43 -8.09 8.34 7.68
C ARG A 43 -7.78 9.70 8.31
N LYS A 44 -6.51 9.91 8.60
CA LYS A 44 -6.06 11.16 9.20
C LYS A 44 -6.10 12.26 8.15
N LYS A 45 -5.72 11.90 6.93
CA LYS A 45 -5.70 12.84 5.83
C LYS A 45 -7.13 13.04 5.32
N MET A 46 -7.97 12.05 5.60
CA MET A 46 -9.35 12.11 5.17
C MET A 46 -10.16 13.10 6.01
N PHE A 47 -10.20 12.82 7.31
CA PHE A 47 -10.93 13.68 8.23
C PHE A 47 -10.22 15.03 8.38
N GLU A 48 -8.90 15.00 8.29
CA GLU A 48 -8.10 16.20 8.41
C GLU A 48 -8.68 17.11 9.51
N ALA A 49 -8.20 16.90 10.72
CA ALA A 49 -8.65 17.68 11.85
C ALA A 49 -7.69 17.48 13.03
N GLY A 50 -6.49 18.02 12.88
CA GLY A 50 -5.48 17.91 13.91
C GLY A 50 -4.11 17.57 13.31
N GLU A 51 -3.16 18.45 13.56
CA GLU A 51 -1.81 18.25 13.05
C GLU A 51 -0.82 19.11 13.82
N SER A 52 0.04 18.45 14.59
CA SER A 52 1.04 19.14 15.38
C SER A 52 2.06 19.82 14.46
N LYS A 1 14.26 -15.38 -16.20
CA LYS A 1 12.90 -15.39 -15.71
C LYS A 1 12.15 -14.17 -16.28
N VAL A 2 11.92 -14.21 -17.57
CA VAL A 2 11.22 -13.12 -18.24
C VAL A 2 9.85 -12.94 -17.60
N ASN A 3 9.06 -14.00 -17.66
CA ASN A 3 7.72 -13.96 -17.09
C ASN A 3 7.75 -13.19 -15.76
N MET A 4 8.90 -13.25 -15.10
CA MET A 4 9.08 -12.56 -13.84
C MET A 4 9.32 -11.07 -14.06
N ASP A 5 10.31 -10.78 -14.88
CA ASP A 5 10.66 -9.40 -15.19
C ASP A 5 9.40 -8.63 -15.58
N LEU A 6 8.55 -9.31 -16.35
CA LEU A 6 7.30 -8.71 -16.80
C LEU A 6 6.35 -8.57 -15.61
N ARG A 7 6.15 -9.68 -14.92
CA ARG A 7 5.26 -9.69 -13.77
C ARG A 7 5.56 -8.49 -12.86
N ALA A 8 6.76 -8.47 -12.33
CA ALA A 8 7.17 -7.40 -11.44
C ALA A 8 6.98 -6.06 -12.16
N ASN A 9 7.42 -6.03 -13.41
CA ASN A 9 7.31 -4.82 -14.21
C ASN A 9 5.96 -4.16 -13.92
N LEU A 10 4.90 -4.86 -14.27
CA LEU A 10 3.55 -4.36 -14.06
C LEU A 10 3.19 -4.48 -12.58
N LYS A 11 2.93 -5.72 -12.17
CA LYS A 11 2.56 -5.98 -10.79
C LYS A 11 3.50 -5.21 -9.87
N GLN A 12 3.03 -4.05 -9.43
CA GLN A 12 3.81 -3.22 -8.55
C GLN A 12 2.92 -2.21 -7.82
N VAL A 13 2.90 -2.31 -6.51
CA VAL A 13 2.09 -1.42 -5.69
C VAL A 13 0.75 -1.20 -6.38
N LYS A 14 -0.21 -2.08 -6.06
CA LYS A 14 -1.53 -1.99 -6.64
C LYS A 14 -2.54 -1.71 -5.53
N LYS A 15 -3.00 -0.47 -5.49
CA LYS A 15 -3.97 -0.06 -4.49
C LYS A 15 -4.81 1.11 -5.02
N GLU A 16 -5.96 1.31 -4.41
CA GLU A 16 -6.85 2.38 -4.82
C GLU A 16 -7.31 3.17 -3.60
N ASP A 17 -6.76 2.83 -2.44
CA ASP A 17 -7.10 3.49 -1.21
C ASP A 17 -8.57 3.22 -0.89
N THR A 18 -9.03 3.80 0.22
CA THR A 18 -10.41 3.63 0.64
C THR A 18 -10.58 2.26 1.32
N GLU A 19 -10.17 1.22 0.60
CA GLU A 19 -10.28 -0.12 1.12
C GLU A 19 -9.76 -1.13 0.10
N LYS A 20 -8.54 -0.88 -0.37
CA LYS A 20 -7.92 -1.75 -1.36
C LYS A 20 -6.42 -1.45 -1.43
N GLU A 21 -5.64 -2.38 -0.90
CA GLU A 21 -4.19 -2.23 -0.91
C GLU A 21 -3.52 -3.57 -1.21
N LYS A 22 -3.33 -3.81 -2.51
CA LYS A 22 -2.70 -5.04 -2.95
C LYS A 22 -1.18 -4.86 -2.97
N ASP A 23 -0.52 -5.52 -2.02
CA ASP A 23 0.92 -5.43 -1.93
C ASP A 23 1.56 -6.43 -2.90
N LEU A 24 2.32 -5.89 -3.83
CA LEU A 24 2.99 -6.71 -4.83
C LEU A 24 4.07 -7.55 -4.14
N ARG A 25 4.75 -8.35 -4.95
CA ARG A 25 5.80 -9.21 -4.44
C ARG A 25 6.88 -8.36 -3.75
N ASP A 26 7.54 -7.53 -4.54
CA ASP A 26 8.59 -6.67 -4.02
C ASP A 26 7.99 -5.73 -2.98
N VAL A 27 7.48 -6.34 -1.91
CA VAL A 27 6.88 -5.58 -0.83
C VAL A 27 7.98 -5.10 0.12
N GLY A 28 8.64 -6.06 0.75
CA GLY A 28 9.70 -5.76 1.69
C GLY A 28 9.57 -4.34 2.23
N ASP A 29 10.37 -3.45 1.69
CA ASP A 29 10.36 -2.05 2.12
C ASP A 29 9.09 -1.39 1.59
N TRP A 30 9.04 -1.25 0.27
CA TRP A 30 7.89 -0.62 -0.37
C TRP A 30 6.67 -0.81 0.54
N ARG A 31 6.50 -2.05 0.99
CA ARG A 31 5.39 -2.38 1.87
C ARG A 31 5.52 -1.63 3.19
N LYS A 32 6.47 -2.07 4.00
CA LYS A 32 6.70 -1.46 5.29
C LYS A 32 6.18 -0.02 5.27
N ASN A 33 6.58 0.71 4.23
CA ASN A 33 6.16 2.09 4.07
C ASN A 33 4.63 2.15 4.03
N ILE A 34 4.09 1.72 2.90
CA ILE A 34 2.65 1.72 2.72
C ILE A 34 2.00 0.87 3.81
N GLU A 35 2.45 -0.37 3.91
CA GLU A 35 1.93 -1.29 4.89
C GLU A 35 1.44 -0.52 6.12
N GLU A 36 2.34 0.28 6.68
CA GLU A 36 2.01 1.08 7.85
C GLU A 36 1.04 2.20 7.48
N LYS A 37 1.49 3.04 6.56
CA LYS A 37 0.68 4.16 6.11
C LYS A 37 -0.17 3.71 4.92
N SER A 38 -1.10 2.81 5.18
CA SER A 38 -1.97 2.30 4.14
C SER A 38 -3.35 1.97 4.73
N GLY A 39 -3.33 1.10 5.73
CA GLY A 39 -4.57 0.69 6.37
C GLY A 39 -4.80 1.49 7.67
N MET A 40 -4.09 1.09 8.71
CA MET A 40 -4.20 1.75 9.99
C MET A 40 -4.38 3.26 9.81
N GLU A 41 -3.64 3.81 8.85
CA GLU A 41 -3.71 5.23 8.57
C GLU A 41 -5.11 5.61 8.09
N GLY A 42 -5.45 5.13 6.91
CA GLY A 42 -6.75 5.42 6.32
C GLY A 42 -7.84 5.38 7.39
N ARG A 43 -7.72 4.41 8.29
CA ARG A 43 -8.69 4.26 9.36
C ARG A 43 -8.64 5.47 10.29
N LYS A 44 -7.54 5.55 11.04
CA LYS A 44 -7.37 6.65 11.97
C LYS A 44 -7.80 7.96 11.30
N LYS A 45 -7.60 8.01 10.00
CA LYS A 45 -7.97 9.20 9.24
C LYS A 45 -9.48 9.40 9.31
N MET A 46 -10.19 8.53 8.62
CA MET A 46 -11.65 8.59 8.60
C MET A 46 -12.22 8.56 10.01
N PHE A 47 -11.38 8.12 10.94
CA PHE A 47 -11.79 8.03 12.34
C PHE A 47 -11.66 9.38 13.04
N GLU A 48 -10.44 9.66 13.49
CA GLU A 48 -10.17 10.91 14.18
C GLU A 48 -11.33 11.27 15.11
N ALA A 49 -11.42 10.52 16.21
CA ALA A 49 -12.47 10.75 17.18
C ALA A 49 -12.57 12.24 17.48
N GLY A 50 -11.47 12.78 18.01
CA GLY A 50 -11.41 14.19 18.35
C GLY A 50 -10.10 14.53 19.05
N GLU A 51 -10.22 15.07 20.24
CA GLU A 51 -9.06 15.45 21.03
C GLU A 51 -8.62 14.29 21.92
N SER A 52 -7.38 13.87 21.73
CA SER A 52 -6.84 12.78 22.52
C SER A 52 -7.83 11.62 22.56
N LYS A 1 11.79 1.71 -20.69
CA LYS A 1 12.47 1.30 -19.47
C LYS A 1 12.21 -0.18 -19.22
N VAL A 2 13.04 -1.02 -19.84
CA VAL A 2 12.91 -2.45 -19.69
C VAL A 2 11.44 -2.81 -19.51
N ASN A 3 10.76 -3.00 -20.64
CA ASN A 3 9.35 -3.34 -20.61
C ASN A 3 8.72 -2.81 -19.33
N MET A 4 8.97 -1.54 -19.06
CA MET A 4 8.43 -0.90 -17.87
C MET A 4 8.89 -1.64 -16.60
N ASP A 5 10.12 -1.36 -16.20
CA ASP A 5 10.68 -1.99 -15.02
C ASP A 5 10.00 -3.34 -14.79
N LEU A 6 10.06 -4.17 -15.83
CA LEU A 6 9.46 -5.49 -15.76
C LEU A 6 8.07 -5.39 -15.12
N ARG A 7 7.17 -4.74 -15.85
CA ARG A 7 5.81 -4.57 -15.37
C ARG A 7 5.81 -3.88 -14.00
N ALA A 8 6.94 -3.23 -13.70
CA ALA A 8 7.08 -2.54 -12.44
C ALA A 8 7.16 -3.56 -11.30
N ASN A 9 8.36 -4.09 -11.11
CA ASN A 9 8.58 -5.07 -10.07
C ASN A 9 7.37 -6.00 -9.99
N LEU A 10 6.89 -6.40 -11.15
CA LEU A 10 5.73 -7.29 -11.22
C LEU A 10 4.50 -6.55 -10.72
N LYS A 11 3.89 -5.78 -11.62
CA LYS A 11 2.71 -5.02 -11.29
C LYS A 11 3.10 -3.81 -10.43
N GLN A 12 3.71 -4.11 -9.30
CA GLN A 12 4.14 -3.06 -8.38
C GLN A 12 2.95 -2.53 -7.59
N VAL A 13 3.26 -1.81 -6.52
CA VAL A 13 2.24 -1.23 -5.68
C VAL A 13 0.90 -1.23 -6.44
N LYS A 14 -0.08 -1.88 -5.85
CA LYS A 14 -1.39 -1.96 -6.46
C LYS A 14 -2.46 -1.89 -5.36
N LYS A 15 -3.60 -1.31 -5.73
CA LYS A 15 -4.70 -1.17 -4.78
C LYS A 15 -5.84 -0.38 -5.44
N GLU A 16 -6.87 -0.12 -4.66
CA GLU A 16 -8.01 0.62 -5.16
C GLU A 16 -8.29 1.83 -4.27
N ASP A 17 -7.45 1.98 -3.25
CA ASP A 17 -7.60 3.08 -2.32
C ASP A 17 -8.93 2.97 -1.59
N THR A 18 -9.35 4.08 -0.99
CA THR A 18 -10.60 4.11 -0.26
C THR A 18 -10.52 3.23 0.99
N GLU A 19 -10.23 1.96 0.76
CA GLU A 19 -10.11 1.00 1.85
C GLU A 19 -9.78 -0.39 1.31
N LYS A 20 -8.76 -0.43 0.48
CA LYS A 20 -8.33 -1.69 -0.11
C LYS A 20 -6.91 -1.53 -0.68
N GLU A 21 -5.97 -2.19 -0.03
CA GLU A 21 -4.57 -2.13 -0.46
C GLU A 21 -4.14 -3.49 -1.00
N LYS A 22 -3.09 -3.45 -1.80
CA LYS A 22 -2.54 -4.66 -2.40
C LYS A 22 -1.03 -4.54 -2.51
N ASP A 23 -0.33 -5.37 -1.75
CA ASP A 23 1.12 -5.36 -1.77
C ASP A 23 1.63 -6.55 -2.59
N LEU A 24 2.65 -6.28 -3.38
CA LEU A 24 3.24 -7.32 -4.22
C LEU A 24 4.51 -7.85 -3.55
N ARG A 25 5.24 -8.67 -4.30
CA ARG A 25 6.47 -9.25 -3.80
C ARG A 25 7.46 -8.14 -3.42
N ASP A 26 7.27 -6.99 -4.04
CA ASP A 26 8.14 -5.85 -3.79
C ASP A 26 7.88 -5.33 -2.36
N VAL A 27 6.94 -5.97 -1.70
CA VAL A 27 6.58 -5.59 -0.34
C VAL A 27 7.83 -5.07 0.37
N GLY A 28 8.50 -5.99 1.06
CA GLY A 28 9.70 -5.65 1.79
C GLY A 28 9.65 -4.21 2.29
N ASP A 29 10.26 -3.33 1.52
CA ASP A 29 10.29 -1.92 1.88
C ASP A 29 9.00 -1.24 1.39
N TRP A 30 8.75 -1.40 0.09
CA TRP A 30 7.56 -0.82 -0.51
C TRP A 30 6.41 -0.95 0.49
N ARG A 31 6.21 -2.16 0.97
CA ARG A 31 5.16 -2.44 1.93
C ARG A 31 5.41 -1.67 3.22
N LYS A 32 6.44 -2.10 3.94
CA LYS A 32 6.79 -1.46 5.19
C LYS A 32 6.31 -0.02 5.19
N ASN A 33 6.55 0.65 4.06
CA ASN A 33 6.15 2.04 3.92
C ASN A 33 4.62 2.12 3.90
N ILE A 34 4.05 1.70 2.77
CA ILE A 34 2.61 1.72 2.62
C ILE A 34 1.96 0.94 3.76
N GLU A 35 2.31 -0.33 3.84
CA GLU A 35 1.78 -1.19 4.88
C GLU A 35 1.61 -0.41 6.18
N GLU A 36 2.70 0.25 6.58
CA GLU A 36 2.69 1.03 7.81
C GLU A 36 1.65 2.16 7.70
N LYS A 37 1.79 2.96 6.66
CA LYS A 37 0.88 4.06 6.44
C LYS A 37 -0.39 3.55 5.76
N SER A 38 -1.08 4.47 5.09
CA SER A 38 -2.31 4.12 4.40
C SER A 38 -3.43 3.86 5.40
N GLY A 39 -3.20 2.86 6.25
CA GLY A 39 -4.18 2.50 7.26
C GLY A 39 -4.13 3.48 8.44
N MET A 40 -3.15 3.27 9.31
CA MET A 40 -2.99 4.12 10.47
C MET A 40 -2.93 5.60 10.07
N GLU A 41 -1.85 5.94 9.40
CA GLU A 41 -1.65 7.32 8.95
C GLU A 41 -2.93 7.85 8.29
N GLY A 42 -3.53 6.99 7.46
CA GLY A 42 -4.76 7.36 6.77
C GLY A 42 -5.87 7.70 7.77
N ARG A 43 -5.86 6.98 8.88
CA ARG A 43 -6.87 7.19 9.91
C ARG A 43 -6.54 8.46 10.71
N LYS A 44 -5.42 8.41 11.41
CA LYS A 44 -5.00 9.54 12.22
C LYS A 44 -5.21 10.84 11.43
N LYS A 45 -4.98 10.74 10.12
CA LYS A 45 -5.15 11.89 9.25
C LYS A 45 -6.64 12.10 8.97
N MET A 46 -7.32 10.99 8.72
CA MET A 46 -8.74 11.04 8.43
C MET A 46 -9.48 11.87 9.48
N PHE A 47 -9.37 11.42 10.73
CA PHE A 47 -10.03 12.10 11.83
C PHE A 47 -9.33 13.42 12.15
N GLU A 48 -8.00 13.39 12.08
CA GLU A 48 -7.20 14.58 12.35
C GLU A 48 -7.50 15.09 13.76
N ALA A 49 -6.45 15.60 14.39
CA ALA A 49 -6.57 16.13 15.74
C ALA A 49 -5.21 16.64 16.22
N GLY A 50 -4.24 15.74 16.22
CA GLY A 50 -2.90 16.08 16.63
C GLY A 50 -1.85 15.38 15.76
N GLU A 51 -0.94 16.19 15.24
CA GLU A 51 0.12 15.67 14.39
C GLU A 51 1.48 15.83 15.07
N SER A 52 2.37 14.90 14.77
CA SER A 52 3.70 14.91 15.35
C SER A 52 4.74 14.55 14.28
N LYS A 1 10.44 -18.24 -15.31
CA LYS A 1 9.27 -17.39 -15.19
C LYS A 1 9.69 -15.92 -15.35
N VAL A 2 10.42 -15.67 -16.43
CA VAL A 2 10.88 -14.33 -16.71
C VAL A 2 9.69 -13.37 -16.74
N ASN A 3 8.78 -13.65 -17.66
CA ASN A 3 7.59 -12.82 -17.80
C ASN A 3 7.09 -12.41 -16.42
N MET A 4 7.34 -13.28 -15.45
CA MET A 4 6.93 -13.01 -14.09
C MET A 4 7.88 -12.03 -13.40
N ASP A 5 9.16 -12.34 -13.50
CA ASP A 5 10.18 -11.50 -12.89
C ASP A 5 10.03 -10.07 -13.43
N LEU A 6 9.64 -9.98 -14.69
CA LEU A 6 9.46 -8.69 -15.33
C LEU A 6 8.18 -8.04 -14.81
N ARG A 7 7.11 -8.83 -14.80
CA ARG A 7 5.82 -8.34 -14.33
C ARG A 7 5.96 -7.75 -12.93
N ALA A 8 6.45 -8.57 -12.01
CA ALA A 8 6.63 -8.13 -10.64
C ALA A 8 7.64 -6.99 -10.61
N ASN A 9 8.72 -7.17 -11.36
CA ASN A 9 9.76 -6.17 -11.42
C ASN A 9 9.13 -4.78 -11.48
N LEU A 10 8.33 -4.57 -12.51
CA LEU A 10 7.66 -3.29 -12.68
C LEU A 10 6.50 -3.18 -11.68
N LYS A 11 5.46 -3.95 -11.94
CA LYS A 11 4.30 -3.94 -11.08
C LYS A 11 4.65 -4.63 -9.75
N GLN A 12 4.46 -3.89 -8.67
CA GLN A 12 4.75 -4.41 -7.34
C GLN A 12 4.32 -3.40 -6.27
N VAL A 13 3.23 -2.70 -6.57
CA VAL A 13 2.70 -1.71 -5.64
C VAL A 13 1.35 -1.21 -6.15
N LYS A 14 0.32 -1.55 -5.40
CA LYS A 14 -1.03 -1.16 -5.76
C LYS A 14 -1.91 -1.13 -4.50
N LYS A 15 -2.74 -0.10 -4.42
CA LYS A 15 -3.64 0.04 -3.29
C LYS A 15 -4.76 1.03 -3.65
N GLU A 16 -5.67 1.21 -2.70
CA GLU A 16 -6.79 2.11 -2.91
C GLU A 16 -6.71 3.27 -1.92
N ASP A 17 -6.63 2.93 -0.65
CA ASP A 17 -6.55 3.93 0.41
C ASP A 17 -6.31 3.24 1.75
N THR A 18 -7.37 2.62 2.26
CA THR A 18 -7.29 1.92 3.52
C THR A 18 -7.85 0.50 3.39
N GLU A 19 -7.11 -0.45 3.96
CA GLU A 19 -7.52 -1.85 3.91
C GLU A 19 -7.35 -2.39 2.49
N LYS A 20 -7.85 -1.64 1.53
CA LYS A 20 -7.76 -2.03 0.14
C LYS A 20 -6.32 -1.85 -0.35
N GLU A 21 -5.40 -2.50 0.34
CA GLU A 21 -4.00 -2.42 0.00
C GLU A 21 -3.55 -3.68 -0.71
N LYS A 22 -2.98 -3.50 -1.90
CA LYS A 22 -2.51 -4.63 -2.69
C LYS A 22 -0.98 -4.64 -2.68
N ASP A 23 -0.43 -5.51 -1.86
CA ASP A 23 1.01 -5.64 -1.75
C ASP A 23 1.47 -6.87 -2.53
N LEU A 24 2.40 -6.63 -3.43
CA LEU A 24 2.95 -7.71 -4.25
C LEU A 24 4.18 -8.30 -3.56
N ARG A 25 4.89 -9.13 -4.32
CA ARG A 25 6.08 -9.77 -3.79
C ARG A 25 7.12 -8.72 -3.40
N ASP A 26 7.31 -7.77 -4.29
CA ASP A 26 8.28 -6.70 -4.05
C ASP A 26 7.75 -5.78 -2.95
N VAL A 27 7.32 -6.41 -1.87
CA VAL A 27 6.79 -5.67 -0.73
C VAL A 27 7.94 -5.04 0.05
N GLY A 28 8.71 -5.90 0.69
CA GLY A 28 9.85 -5.45 1.48
C GLY A 28 9.63 -4.02 1.98
N ASP A 29 10.22 -3.08 1.25
CA ASP A 29 10.10 -1.67 1.62
C ASP A 29 8.75 -1.14 1.13
N TRP A 30 8.57 -1.19 -0.19
CA TRP A 30 7.34 -0.71 -0.79
C TRP A 30 6.22 -0.92 0.21
N ARG A 31 6.18 -2.11 0.79
CA ARG A 31 5.16 -2.44 1.78
C ARG A 31 5.39 -1.67 3.07
N LYS A 32 6.47 -2.03 3.76
CA LYS A 32 6.81 -1.37 5.01
C LYS A 32 6.25 0.05 5.01
N ASN A 33 6.43 0.72 3.89
CA ASN A 33 5.94 2.09 3.74
C ASN A 33 4.41 2.09 3.80
N ILE A 34 3.81 1.61 2.72
CA ILE A 34 2.36 1.55 2.65
C ILE A 34 1.82 0.73 3.83
N GLU A 35 2.30 -0.49 3.93
CA GLU A 35 1.87 -1.38 5.00
C GLU A 35 1.62 -0.57 6.28
N GLU A 36 2.60 0.24 6.64
CA GLU A 36 2.49 1.06 7.83
C GLU A 36 1.44 2.16 7.63
N LYS A 37 1.84 3.19 6.90
CA LYS A 37 0.95 4.30 6.63
C LYS A 37 -0.46 3.77 6.37
N SER A 38 -0.51 2.57 5.83
CA SER A 38 -1.79 1.93 5.53
C SER A 38 -2.53 1.61 6.84
N GLY A 39 -3.81 1.95 6.86
CA GLY A 39 -4.64 1.70 8.03
C GLY A 39 -4.70 2.94 8.92
N MET A 40 -3.54 3.33 9.44
CA MET A 40 -3.47 4.50 10.31
C MET A 40 -3.94 5.75 9.58
N GLU A 41 -3.69 5.77 8.27
CA GLU A 41 -4.09 6.90 7.46
C GLU A 41 -5.60 6.89 7.23
N GLY A 42 -6.13 5.71 6.96
CA GLY A 42 -7.55 5.55 6.73
C GLY A 42 -8.35 5.90 7.99
N ARG A 43 -7.75 5.61 9.14
CA ARG A 43 -8.39 5.88 10.41
C ARG A 43 -8.30 7.36 10.75
N LYS A 44 -7.07 7.87 10.73
CA LYS A 44 -6.83 9.26 11.03
C LYS A 44 -7.65 10.13 10.09
N LYS A 45 -7.89 9.61 8.90
CA LYS A 45 -8.67 10.33 7.90
C LYS A 45 -10.16 10.12 8.18
N MET A 46 -10.49 8.91 8.59
CA MET A 46 -11.87 8.57 8.89
C MET A 46 -12.46 9.55 9.91
N PHE A 47 -11.75 9.71 11.02
CA PHE A 47 -12.20 10.62 12.07
C PHE A 47 -11.83 12.06 11.74
N GLU A 48 -10.66 12.21 11.11
CA GLU A 48 -10.18 13.53 10.74
C GLU A 48 -10.60 14.56 11.79
N ALA A 49 -9.73 14.73 12.78
CA ALA A 49 -9.98 15.68 13.85
C ALA A 49 -8.68 16.36 14.25
N GLY A 50 -7.74 15.54 14.72
CA GLY A 50 -6.45 16.05 15.14
C GLY A 50 -5.65 16.58 13.95
N GLU A 51 -5.98 17.79 13.55
CA GLU A 51 -5.30 18.42 12.43
C GLU A 51 -5.58 19.93 12.41
N SER A 52 -4.62 20.68 12.96
CA SER A 52 -4.75 22.13 13.01
C SER A 52 -3.39 22.76 13.25
N LYS A 1 12.35 -16.88 -13.00
CA LYS A 1 11.00 -16.48 -12.64
C LYS A 1 10.67 -15.15 -13.33
N VAL A 2 10.96 -15.10 -14.63
CA VAL A 2 10.71 -13.89 -15.40
C VAL A 2 9.22 -13.53 -15.31
N ASN A 3 8.39 -14.54 -15.53
CA ASN A 3 6.95 -14.35 -15.48
C ASN A 3 6.62 -13.30 -14.41
N MET A 4 6.91 -13.66 -13.17
CA MET A 4 6.66 -12.78 -12.04
C MET A 4 7.54 -11.53 -12.13
N ASP A 5 8.75 -11.74 -12.64
CA ASP A 5 9.69 -10.64 -12.77
C ASP A 5 9.03 -9.47 -13.51
N LEU A 6 8.68 -9.73 -14.76
CA LEU A 6 8.03 -8.72 -15.59
C LEU A 6 6.73 -8.29 -14.93
N ARG A 7 5.88 -9.28 -14.66
CA ARG A 7 4.60 -9.02 -14.03
C ARG A 7 4.75 -7.98 -12.92
N ALA A 8 5.34 -8.42 -11.82
CA ALA A 8 5.56 -7.54 -10.68
C ALA A 8 6.17 -6.23 -11.17
N ASN A 9 7.33 -6.35 -11.81
CA ASN A 9 8.02 -5.19 -12.33
C ASN A 9 7.01 -4.23 -12.94
N LEU A 10 5.92 -4.79 -13.44
CA LEU A 10 4.87 -4.00 -14.05
C LEU A 10 3.87 -3.56 -12.98
N LYS A 11 3.15 -4.54 -12.47
CA LYS A 11 2.16 -4.27 -11.43
C LYS A 11 2.76 -3.33 -10.38
N GLN A 12 3.23 -3.93 -9.31
CA GLN A 12 3.84 -3.16 -8.23
C GLN A 12 2.81 -2.19 -7.64
N VAL A 13 2.89 -2.04 -6.32
CA VAL A 13 1.98 -1.15 -5.62
C VAL A 13 0.65 -1.09 -6.37
N LYS A 14 -0.17 -2.11 -6.11
CA LYS A 14 -1.48 -2.19 -6.74
C LYS A 14 -2.55 -1.74 -5.75
N LYS A 15 -2.64 -0.43 -5.56
CA LYS A 15 -3.62 0.13 -4.65
C LYS A 15 -4.73 0.80 -5.45
N GLU A 16 -5.94 0.67 -4.93
CA GLU A 16 -7.10 1.26 -5.59
C GLU A 16 -7.75 2.32 -4.69
N ASP A 17 -6.89 3.04 -3.98
CA ASP A 17 -7.36 4.09 -3.08
C ASP A 17 -8.21 3.45 -1.98
N THR A 18 -8.81 4.31 -1.16
CA THR A 18 -9.65 3.86 -0.07
C THR A 18 -8.98 2.69 0.67
N GLU A 19 -7.71 2.90 0.99
CA GLU A 19 -6.95 1.89 1.70
C GLU A 19 -7.09 0.53 1.01
N LYS A 20 -6.91 0.55 -0.30
CA LYS A 20 -7.02 -0.67 -1.09
C LYS A 20 -5.66 -0.99 -1.70
N GLU A 21 -4.61 -0.73 -0.93
CA GLU A 21 -3.26 -0.99 -1.38
C GLU A 21 -2.94 -2.49 -1.28
N LYS A 22 -2.61 -3.07 -2.42
CA LYS A 22 -2.29 -4.48 -2.47
C LYS A 22 -0.77 -4.65 -2.72
N ASP A 23 -0.08 -5.07 -1.66
CA ASP A 23 1.35 -5.26 -1.75
C ASP A 23 1.65 -6.44 -2.68
N LEU A 24 2.68 -6.27 -3.49
CA LEU A 24 3.08 -7.30 -4.43
C LEU A 24 3.98 -8.31 -3.73
N ARG A 25 5.11 -8.58 -4.36
CA ARG A 25 6.06 -9.52 -3.79
C ARG A 25 7.24 -8.78 -3.15
N ASP A 26 7.61 -7.68 -3.78
CA ASP A 26 8.71 -6.86 -3.29
C ASP A 26 8.44 -6.48 -1.83
N VAL A 27 7.23 -5.99 -1.59
CA VAL A 27 6.83 -5.58 -0.26
C VAL A 27 8.06 -5.05 0.50
N GLY A 28 8.68 -5.95 1.26
CA GLY A 28 9.86 -5.59 2.02
C GLY A 28 9.78 -4.14 2.49
N ASP A 29 10.43 -3.27 1.73
CA ASP A 29 10.45 -1.85 2.06
C ASP A 29 9.17 -1.20 1.54
N TRP A 30 8.95 -1.35 0.24
CA TRP A 30 7.77 -0.78 -0.39
C TRP A 30 6.60 -0.94 0.57
N ARG A 31 6.36 -2.18 0.98
CA ARG A 31 5.28 -2.47 1.90
C ARG A 31 5.46 -1.70 3.20
N LYS A 32 6.47 -2.12 3.96
CA LYS A 32 6.75 -1.47 5.23
C LYS A 32 6.22 -0.04 5.20
N ASN A 33 6.55 0.67 4.14
CA ASN A 33 6.11 2.04 3.98
C ASN A 33 4.57 2.08 3.94
N ILE A 34 4.04 1.69 2.80
CA ILE A 34 2.60 1.67 2.61
C ILE A 34 1.95 0.88 3.75
N GLU A 35 2.40 -0.36 3.90
CA GLU A 35 1.88 -1.23 4.94
C GLU A 35 1.49 -0.40 6.18
N GLU A 36 2.43 0.40 6.63
CA GLU A 36 2.21 1.24 7.79
C GLU A 36 1.36 2.46 7.41
N LYS A 37 1.99 3.39 6.72
CA LYS A 37 1.31 4.61 6.29
C LYS A 37 0.30 4.25 5.19
N SER A 38 -0.97 4.31 5.56
CA SER A 38 -2.04 3.99 4.63
C SER A 38 -3.27 3.51 5.39
N GLY A 39 -3.19 2.29 5.87
CA GLY A 39 -4.30 1.69 6.61
C GLY A 39 -4.82 2.67 7.66
N MET A 40 -4.01 2.88 8.68
CA MET A 40 -4.37 3.78 9.76
C MET A 40 -4.60 5.21 9.24
N GLU A 41 -3.99 5.49 8.10
CA GLU A 41 -4.12 6.79 7.48
C GLU A 41 -5.53 6.99 6.92
N GLY A 42 -5.93 6.04 6.09
CA GLY A 42 -7.24 6.08 5.47
C GLY A 42 -8.34 5.93 6.51
N ARG A 43 -8.00 5.22 7.58
CA ARG A 43 -8.95 4.99 8.66
C ARG A 43 -9.17 6.28 9.45
N LYS A 44 -8.07 6.83 9.94
CA LYS A 44 -8.12 8.06 10.71
C LYS A 44 -8.66 9.19 9.83
N LYS A 45 -8.35 9.09 8.55
CA LYS A 45 -8.79 10.09 7.59
C LYS A 45 -10.25 9.83 7.23
N MET A 46 -10.66 8.57 7.37
CA MET A 46 -12.02 8.18 7.05
C MET A 46 -13.00 8.75 8.08
N PHE A 47 -12.75 8.43 9.34
CA PHE A 47 -13.60 8.91 10.42
C PHE A 47 -13.34 10.39 10.70
N GLU A 48 -12.09 10.79 10.54
CA GLU A 48 -11.71 12.16 10.78
C GLU A 48 -12.53 12.76 11.92
N ALA A 49 -12.01 12.59 13.13
CA ALA A 49 -12.69 13.10 14.32
C ALA A 49 -11.64 13.69 15.28
N GLY A 50 -10.69 12.85 15.64
CA GLY A 50 -9.64 13.27 16.55
C GLY A 50 -8.70 12.11 16.87
N GLU A 51 -7.45 12.47 17.15
CA GLU A 51 -6.44 11.46 17.47
C GLU A 51 -6.25 10.50 16.29
N SER A 52 -5.09 10.61 15.67
CA SER A 52 -4.77 9.75 14.53
C SER A 52 -5.05 8.29 14.88
N LYS A 1 8.27 -14.78 -21.02
CA LYS A 1 6.98 -14.42 -20.48
C LYS A 1 6.92 -12.90 -20.25
N VAL A 2 6.94 -12.18 -21.35
CA VAL A 2 6.89 -10.72 -21.30
C VAL A 2 5.60 -10.29 -20.61
N ASN A 3 4.48 -10.73 -21.18
CA ASN A 3 3.18 -10.40 -20.63
C ASN A 3 3.25 -10.42 -19.10
N MET A 4 4.13 -11.29 -18.60
CA MET A 4 4.30 -11.42 -17.16
C MET A 4 5.20 -10.32 -16.61
N ASP A 5 6.37 -10.20 -17.21
CA ASP A 5 7.34 -9.20 -16.80
C ASP A 5 6.66 -7.83 -16.77
N LEU A 6 5.69 -7.66 -17.67
CA LEU A 6 4.96 -6.42 -17.75
C LEU A 6 3.92 -6.36 -16.65
N ARG A 7 2.98 -7.29 -16.71
CA ARG A 7 1.92 -7.36 -15.73
C ARG A 7 2.47 -7.06 -14.33
N ALA A 8 3.52 -7.79 -13.99
CA ALA A 8 4.16 -7.62 -12.69
C ALA A 8 4.82 -6.24 -12.62
N ASN A 9 5.68 -5.98 -13.60
CA ASN A 9 6.39 -4.71 -13.65
C ASN A 9 5.49 -3.61 -13.09
N LEU A 10 4.22 -3.66 -13.47
CA LEU A 10 3.25 -2.68 -13.01
C LEU A 10 2.59 -3.19 -11.73
N LYS A 11 1.72 -4.18 -11.91
CA LYS A 11 1.01 -4.77 -10.79
C LYS A 11 2.02 -5.37 -9.81
N GLN A 12 2.37 -4.57 -8.81
CA GLN A 12 3.32 -5.01 -7.80
C GLN A 12 3.58 -3.88 -6.79
N VAL A 13 2.54 -3.09 -6.55
CA VAL A 13 2.65 -1.98 -5.61
C VAL A 13 1.46 -1.03 -5.82
N LYS A 14 0.35 -1.37 -5.16
CA LYS A 14 -0.85 -0.56 -5.27
C LYS A 14 -1.59 -0.60 -3.94
N LYS A 15 -2.65 0.20 -3.86
CA LYS A 15 -3.46 0.27 -2.66
C LYS A 15 -4.61 1.25 -2.87
N GLU A 16 -5.56 1.21 -1.95
CA GLU A 16 -6.71 2.10 -2.02
C GLU A 16 -6.85 2.90 -0.73
N ASP A 17 -5.93 2.65 0.18
CA ASP A 17 -5.94 3.34 1.47
C ASP A 17 -7.17 2.91 2.27
N THR A 18 -7.10 3.14 3.57
CA THR A 18 -8.20 2.78 4.45
C THR A 18 -8.12 1.29 4.81
N GLU A 19 -6.94 0.87 5.23
CA GLU A 19 -6.73 -0.52 5.60
C GLU A 19 -6.95 -1.43 4.39
N LYS A 20 -6.24 -1.11 3.31
CA LYS A 20 -6.34 -1.90 2.09
C LYS A 20 -5.22 -1.49 1.13
N GLU A 21 -4.29 -2.41 0.93
CA GLU A 21 -3.16 -2.16 0.05
C GLU A 21 -2.71 -3.46 -0.61
N LYS A 22 -2.58 -3.40 -1.93
CA LYS A 22 -2.16 -4.58 -2.68
C LYS A 22 -0.62 -4.62 -2.72
N ASP A 23 -0.07 -5.59 -2.00
CA ASP A 23 1.37 -5.75 -1.94
C ASP A 23 1.73 -7.14 -2.45
N LEU A 24 2.73 -7.18 -3.32
CA LEU A 24 3.19 -8.44 -3.89
C LEU A 24 4.59 -8.76 -3.33
N ARG A 25 5.12 -9.89 -3.78
CA ARG A 25 6.44 -10.32 -3.35
C ARG A 25 7.28 -9.12 -2.93
N ASP A 26 7.23 -8.09 -3.77
CA ASP A 26 7.99 -6.87 -3.51
C ASP A 26 7.90 -6.54 -2.02
N VAL A 27 6.71 -6.11 -1.60
CA VAL A 27 6.49 -5.76 -0.21
C VAL A 27 7.78 -5.17 0.37
N GLY A 28 8.48 -6.00 1.13
CA GLY A 28 9.73 -5.58 1.75
C GLY A 28 9.65 -4.12 2.19
N ASP A 29 10.25 -3.26 1.38
CA ASP A 29 10.26 -1.83 1.68
C ASP A 29 8.94 -1.21 1.18
N TRP A 30 8.70 -1.36 -0.10
CA TRP A 30 7.49 -0.82 -0.70
C TRP A 30 6.35 -0.98 0.30
N ARG A 31 6.23 -2.20 0.80
CA ARG A 31 5.19 -2.51 1.77
C ARG A 31 5.36 -1.65 3.04
N LYS A 32 6.42 -1.94 3.76
CA LYS A 32 6.72 -1.22 4.98
C LYS A 32 6.08 0.18 4.91
N ASN A 33 6.28 0.81 3.75
CA ASN A 33 5.73 2.15 3.55
C ASN A 33 4.20 2.07 3.55
N ILE A 34 3.66 1.55 2.46
CA ILE A 34 2.22 1.42 2.33
C ILE A 34 1.68 0.56 3.47
N GLU A 35 2.21 -0.66 3.56
CA GLU A 35 1.79 -1.58 4.59
C GLU A 35 1.46 -0.82 5.88
N GLU A 36 2.42 -0.02 6.32
CA GLU A 36 2.25 0.77 7.52
C GLU A 36 1.39 2.01 7.24
N LYS A 37 2.05 3.01 6.65
CA LYS A 37 1.36 4.24 6.31
C LYS A 37 -0.11 3.96 6.02
N SER A 38 -0.33 2.91 5.24
CA SER A 38 -1.68 2.51 4.88
C SER A 38 -2.42 2.00 6.12
N GLY A 39 -3.63 2.51 6.30
CA GLY A 39 -4.45 2.12 7.44
C GLY A 39 -4.56 3.26 8.45
N MET A 40 -3.51 3.41 9.24
CA MET A 40 -3.47 4.45 10.26
C MET A 40 -3.76 5.83 9.64
N GLU A 41 -3.26 6.01 8.43
CA GLU A 41 -3.45 7.27 7.73
C GLU A 41 -4.92 7.68 7.77
N GLY A 42 -5.77 6.78 7.29
CA GLY A 42 -7.20 7.04 7.26
C GLY A 42 -7.77 7.09 8.68
N ARG A 43 -7.35 6.13 9.49
CA ARG A 43 -7.81 6.05 10.87
C ARG A 43 -7.87 7.45 11.49
N LYS A 44 -6.72 8.12 11.46
CA LYS A 44 -6.63 9.47 12.02
C LYS A 44 -7.45 10.42 11.15
N LYS A 45 -7.19 10.38 9.85
CA LYS A 45 -7.89 11.23 8.91
C LYS A 45 -9.36 11.32 9.32
N MET A 46 -9.84 10.26 9.96
CA MET A 46 -11.22 10.22 10.40
C MET A 46 -11.36 10.80 11.81
N PHE A 47 -10.68 10.16 12.75
CA PHE A 47 -10.72 10.61 14.13
C PHE A 47 -10.89 12.12 14.22
N GLU A 48 -10.08 12.82 13.43
CA GLU A 48 -10.14 14.27 13.40
C GLU A 48 -10.45 14.81 14.80
N ALA A 49 -9.40 15.13 15.53
CA ALA A 49 -9.54 15.65 16.87
C ALA A 49 -8.19 16.16 17.38
N GLY A 50 -7.55 16.97 16.56
CA GLY A 50 -6.26 17.53 16.89
C GLY A 50 -5.36 17.64 15.66
N GLU A 51 -5.36 18.82 15.07
CA GLU A 51 -4.55 19.07 13.89
C GLU A 51 -3.89 20.44 13.97
N SER A 52 -2.58 20.44 13.76
CA SER A 52 -1.81 21.67 13.82
C SER A 52 -1.47 22.14 12.40
N LYS A 1 9.65 -19.28 -10.93
CA LYS A 1 8.31 -18.73 -11.10
C LYS A 1 8.40 -17.42 -11.88
N VAL A 2 8.60 -17.54 -13.18
CA VAL A 2 8.71 -16.38 -14.04
C VAL A 2 7.35 -15.66 -14.08
N ASN A 3 6.33 -16.40 -14.44
CA ASN A 3 4.99 -15.85 -14.53
C ASN A 3 4.76 -14.90 -13.35
N MET A 4 5.43 -15.20 -12.25
CA MET A 4 5.32 -14.38 -11.06
C MET A 4 6.26 -13.17 -11.12
N ASP A 5 7.52 -13.46 -11.39
CA ASP A 5 8.53 -12.41 -11.48
C ASP A 5 8.01 -11.30 -12.40
N LEU A 6 7.30 -11.72 -13.43
CA LEU A 6 6.75 -10.78 -14.39
C LEU A 6 5.47 -10.16 -13.81
N ARG A 7 4.52 -11.02 -13.49
CA ARG A 7 3.25 -10.57 -12.94
C ARG A 7 3.48 -9.41 -11.97
N ALA A 8 4.57 -9.52 -11.22
CA ALA A 8 4.91 -8.49 -10.24
C ALA A 8 5.61 -7.33 -10.97
N ASN A 9 6.66 -7.68 -11.71
CA ASN A 9 7.41 -6.68 -12.45
C ASN A 9 6.45 -5.62 -12.98
N LEU A 10 5.25 -6.05 -13.30
CA LEU A 10 4.23 -5.15 -13.82
C LEU A 10 3.34 -4.70 -12.68
N LYS A 11 2.60 -5.65 -12.13
CA LYS A 11 1.69 -5.37 -11.03
C LYS A 11 2.37 -4.40 -10.05
N GLN A 12 2.97 -4.97 -9.03
CA GLN A 12 3.66 -4.18 -8.02
C GLN A 12 2.65 -3.31 -7.25
N VAL A 13 3.18 -2.45 -6.41
CA VAL A 13 2.35 -1.56 -5.61
C VAL A 13 1.09 -1.21 -6.41
N LYS A 14 0.01 -1.91 -6.09
CA LYS A 14 -1.25 -1.68 -6.76
C LYS A 14 -2.33 -1.38 -5.72
N LYS A 15 -3.01 -0.26 -5.92
CA LYS A 15 -4.06 0.16 -5.02
C LYS A 15 -4.40 1.63 -5.27
N GLU A 16 -5.08 2.22 -4.30
CA GLU A 16 -5.47 3.62 -4.41
C GLU A 16 -4.89 4.42 -3.25
N ASP A 17 -5.57 4.33 -2.11
CA ASP A 17 -5.13 5.05 -0.92
C ASP A 17 -6.33 5.26 0.01
N THR A 18 -6.08 6.01 1.07
CA THR A 18 -7.12 6.30 2.04
C THR A 18 -7.40 5.06 2.91
N GLU A 19 -7.75 3.98 2.23
CA GLU A 19 -8.04 2.73 2.93
C GLU A 19 -8.18 1.59 1.91
N LYS A 20 -7.10 1.35 1.19
CA LYS A 20 -7.09 0.29 0.19
C LYS A 20 -5.68 0.20 -0.43
N GLU A 21 -4.95 -0.81 0.03
CA GLU A 21 -3.59 -1.02 -0.46
C GLU A 21 -3.39 -2.50 -0.81
N LYS A 22 -2.74 -2.73 -1.94
CA LYS A 22 -2.47 -4.08 -2.39
C LYS A 22 -0.96 -4.28 -2.50
N ASP A 23 -0.42 -5.06 -1.57
CA ASP A 23 1.00 -5.34 -1.56
C ASP A 23 1.28 -6.59 -2.40
N LEU A 24 2.39 -6.53 -3.13
CA LEU A 24 2.78 -7.64 -3.98
C LEU A 24 3.82 -8.49 -3.25
N ARG A 25 4.37 -9.45 -3.99
CA ARG A 25 5.38 -10.33 -3.43
C ARG A 25 6.49 -9.52 -2.76
N ASP A 26 7.33 -8.92 -3.59
CA ASP A 26 8.43 -8.12 -3.10
C ASP A 26 8.03 -7.47 -1.77
N VAL A 27 7.24 -6.40 -1.89
CA VAL A 27 6.79 -5.68 -0.72
C VAL A 27 7.99 -5.06 0.00
N GLY A 28 8.80 -5.92 0.59
CA GLY A 28 9.98 -5.47 1.30
C GLY A 28 9.78 -4.05 1.85
N ASP A 29 10.39 -3.09 1.18
CA ASP A 29 10.29 -1.70 1.60
C ASP A 29 8.92 -1.16 1.18
N TRP A 30 8.70 -1.14 -0.12
CA TRP A 30 7.44 -0.63 -0.65
C TRP A 30 6.35 -0.89 0.39
N ARG A 31 6.33 -2.11 0.89
CA ARG A 31 5.35 -2.50 1.90
C ARG A 31 5.57 -1.70 3.18
N LYS A 32 6.67 -2.02 3.86
CA LYS A 32 7.00 -1.36 5.10
C LYS A 32 6.38 0.04 5.11
N ASN A 33 6.54 0.73 3.99
CA ASN A 33 6.00 2.07 3.85
C ASN A 33 4.49 2.03 4.01
N ILE A 34 3.83 1.52 2.97
CA ILE A 34 2.38 1.41 2.98
C ILE A 34 1.94 0.59 4.19
N GLU A 35 2.51 -0.60 4.30
CA GLU A 35 2.18 -1.49 5.40
C GLU A 35 1.83 -0.68 6.65
N GLU A 36 2.74 0.20 7.02
CA GLU A 36 2.55 1.04 8.19
C GLU A 36 1.67 2.24 7.84
N LYS A 37 2.13 3.00 6.85
CA LYS A 37 1.40 4.17 6.41
C LYS A 37 -0.11 3.88 6.46
N SER A 38 -0.60 3.31 5.38
CA SER A 38 -2.02 2.97 5.28
C SER A 38 -2.40 2.00 6.40
N GLY A 39 -3.66 2.08 6.80
CA GLY A 39 -4.16 1.21 7.86
C GLY A 39 -4.45 2.01 9.13
N MET A 40 -3.58 1.84 10.11
CA MET A 40 -3.73 2.53 11.38
C MET A 40 -3.92 4.03 11.15
N GLU A 41 -3.45 4.50 10.01
CA GLU A 41 -3.57 5.91 9.67
C GLU A 41 -5.02 6.26 9.34
N GLY A 42 -5.52 5.65 8.27
CA GLY A 42 -6.89 5.89 7.84
C GLY A 42 -7.87 5.59 8.97
N ARG A 43 -7.45 4.71 9.86
CA ARG A 43 -8.29 4.33 10.99
C ARG A 43 -8.36 5.46 12.01
N LYS A 44 -7.19 5.91 12.44
CA LYS A 44 -7.10 6.98 13.40
C LYS A 44 -7.74 8.25 12.82
N LYS A 45 -7.69 8.33 11.49
CA LYS A 45 -8.26 9.47 10.80
C LYS A 45 -9.77 9.26 10.61
N MET A 46 -10.15 7.99 10.57
CA MET A 46 -11.55 7.63 10.41
C MET A 46 -12.36 8.03 11.64
N PHE A 47 -11.86 7.62 12.79
CA PHE A 47 -12.53 7.92 14.04
C PHE A 47 -12.18 9.34 14.52
N GLU A 48 -10.95 9.73 14.25
CA GLU A 48 -10.48 11.05 14.64
C GLU A 48 -11.09 11.45 15.98
N ALA A 49 -10.38 11.11 17.05
CA ALA A 49 -10.84 11.43 18.39
C ALA A 49 -9.63 11.77 19.27
N GLY A 50 -8.75 10.79 19.43
CA GLY A 50 -7.56 10.97 20.23
C GLY A 50 -6.68 9.71 20.20
N GLU A 51 -5.45 9.90 19.74
CA GLU A 51 -4.51 8.80 19.66
C GLU A 51 -3.23 9.14 20.42
N SER A 52 -2.60 8.10 20.95
CA SER A 52 -1.37 8.28 21.71
C SER A 52 -0.34 7.22 21.27
N LYS A 1 10.40 -10.22 -18.11
CA LYS A 1 10.65 -11.63 -17.94
C LYS A 1 9.32 -12.39 -17.98
N VAL A 2 8.80 -12.56 -19.19
CA VAL A 2 7.55 -13.25 -19.39
C VAL A 2 6.47 -12.60 -18.52
N ASN A 3 5.49 -13.42 -18.14
CA ASN A 3 4.40 -12.93 -17.31
C ASN A 3 4.94 -12.54 -15.93
N MET A 4 5.57 -13.51 -15.29
CA MET A 4 6.14 -13.28 -13.97
C MET A 4 6.58 -11.83 -13.81
N ASP A 5 7.37 -11.37 -14.77
CA ASP A 5 7.88 -10.02 -14.74
C ASP A 5 6.72 -9.04 -15.01
N LEU A 6 6.00 -9.31 -16.08
CA LEU A 6 4.87 -8.47 -16.45
C LEU A 6 4.02 -8.18 -15.22
N ARG A 7 3.49 -9.24 -14.63
CA ARG A 7 2.66 -9.11 -13.45
C ARG A 7 3.40 -8.29 -12.38
N ALA A 8 4.56 -8.79 -11.99
CA ALA A 8 5.37 -8.11 -10.99
C ALA A 8 5.51 -6.64 -11.36
N ASN A 9 5.35 -6.37 -12.65
CA ASN A 9 5.46 -5.01 -13.16
C ASN A 9 4.15 -4.28 -12.92
N LEU A 10 3.06 -5.02 -13.01
CA LEU A 10 1.73 -4.45 -12.82
C LEU A 10 1.43 -4.39 -11.32
N LYS A 11 1.24 -5.56 -10.74
CA LYS A 11 0.95 -5.65 -9.32
C LYS A 11 1.71 -4.57 -8.57
N GLN A 12 2.92 -4.30 -9.06
CA GLN A 12 3.77 -3.29 -8.45
C GLN A 12 2.91 -2.22 -7.77
N VAL A 13 2.90 -2.27 -6.44
CA VAL A 13 2.14 -1.31 -5.66
C VAL A 13 0.78 -1.09 -6.33
N LYS A 14 -0.19 -1.89 -5.90
CA LYS A 14 -1.53 -1.80 -6.44
C LYS A 14 -2.51 -1.50 -5.31
N LYS A 15 -2.62 -0.21 -4.99
CA LYS A 15 -3.51 0.22 -3.93
C LYS A 15 -4.51 1.24 -4.50
N GLU A 16 -5.59 1.43 -3.76
CA GLU A 16 -6.62 2.37 -4.18
C GLU A 16 -7.04 3.24 -3.00
N ASP A 17 -6.29 3.13 -1.91
CA ASP A 17 -6.58 3.91 -0.72
C ASP A 17 -7.98 3.55 -0.21
N THR A 18 -8.16 3.72 1.09
CA THR A 18 -9.44 3.42 1.72
C THR A 18 -9.65 1.90 1.79
N GLU A 19 -8.95 1.29 2.72
CA GLU A 19 -9.06 -0.16 2.91
C GLU A 19 -8.91 -0.87 1.57
N LYS A 20 -7.68 -0.89 1.08
CA LYS A 20 -7.39 -1.55 -0.19
C LYS A 20 -5.94 -1.23 -0.59
N GLU A 21 -5.04 -2.11 -0.18
CA GLU A 21 -3.63 -1.94 -0.50
C GLU A 21 -2.98 -3.29 -0.79
N LYS A 22 -2.84 -3.58 -2.07
CA LYS A 22 -2.24 -4.83 -2.49
C LYS A 22 -0.72 -4.65 -2.61
N ASP A 23 -0.01 -5.35 -1.75
CA ASP A 23 1.44 -5.27 -1.74
C ASP A 23 2.01 -6.46 -2.53
N LEU A 24 2.67 -6.13 -3.63
CA LEU A 24 3.26 -7.16 -4.48
C LEU A 24 4.33 -7.91 -3.69
N ARG A 25 5.14 -8.67 -4.42
CA ARG A 25 6.20 -9.44 -3.80
C ARG A 25 7.29 -8.51 -3.27
N ASP A 26 7.62 -7.52 -4.08
CA ASP A 26 8.64 -6.55 -3.71
C ASP A 26 8.12 -5.69 -2.55
N VAL A 27 7.63 -6.36 -1.52
CA VAL A 27 7.12 -5.67 -0.36
C VAL A 27 8.27 -5.08 0.44
N GLY A 28 8.88 -5.92 1.27
CA GLY A 28 10.00 -5.48 2.09
C GLY A 28 9.81 -4.05 2.56
N ASP A 29 10.49 -3.14 1.86
CA ASP A 29 10.41 -1.73 2.18
C ASP A 29 9.13 -1.14 1.59
N TRP A 30 8.95 -1.39 0.30
CA TRP A 30 7.78 -0.89 -0.40
C TRP A 30 6.58 -1.01 0.54
N ARG A 31 6.29 -2.23 0.94
CA ARG A 31 5.18 -2.49 1.83
C ARG A 31 5.37 -1.71 3.14
N LYS A 32 6.38 -2.12 3.90
CA LYS A 32 6.67 -1.47 5.16
C LYS A 32 6.15 -0.03 5.14
N ASN A 33 6.48 0.66 4.05
CA ASN A 33 6.06 2.04 3.88
C ASN A 33 4.53 2.10 3.85
N ILE A 34 3.98 1.71 2.70
CA ILE A 34 2.55 1.71 2.52
C ILE A 34 1.89 0.95 3.69
N GLU A 35 2.32 -0.28 3.86
CA GLU A 35 1.79 -1.12 4.93
C GLU A 35 1.40 -0.25 6.13
N GLU A 36 2.36 0.52 6.60
CA GLU A 36 2.13 1.40 7.74
C GLU A 36 1.23 2.57 7.34
N LYS A 37 1.80 3.45 6.51
CA LYS A 37 1.06 4.61 6.05
C LYS A 37 -0.07 4.17 5.11
N SER A 38 -0.41 5.05 4.19
CA SER A 38 -1.47 4.75 3.23
C SER A 38 -2.81 4.62 3.95
N GLY A 39 -3.02 3.45 4.54
CA GLY A 39 -4.25 3.19 5.26
C GLY A 39 -4.54 4.28 6.29
N MET A 40 -3.74 4.27 7.35
CA MET A 40 -3.89 5.26 8.40
C MET A 40 -4.13 6.65 7.82
N GLU A 41 -3.13 7.14 7.11
CA GLU A 41 -3.22 8.46 6.49
C GLU A 41 -4.48 8.55 5.62
N GLY A 42 -4.88 7.40 5.09
CA GLY A 42 -6.06 7.34 4.24
C GLY A 42 -7.33 7.59 5.04
N ARG A 43 -7.35 7.03 6.25
CA ARG A 43 -8.49 7.19 7.13
C ARG A 43 -8.54 8.61 7.70
N LYS A 44 -7.36 9.15 7.95
CA LYS A 44 -7.25 10.50 8.49
C LYS A 44 -7.62 11.51 7.40
N LYS A 45 -7.17 11.22 6.19
CA LYS A 45 -7.43 12.08 5.06
C LYS A 45 -8.85 11.84 4.55
N MET A 46 -9.37 10.67 4.90
CA MET A 46 -10.71 10.29 4.49
C MET A 46 -11.76 11.07 5.28
N PHE A 47 -11.69 10.94 6.60
CA PHE A 47 -12.63 11.63 7.48
C PHE A 47 -12.30 13.12 7.57
N GLU A 48 -11.01 13.42 7.48
CA GLU A 48 -10.56 14.80 7.55
C GLU A 48 -11.38 15.57 8.58
N ALA A 49 -10.94 15.47 9.83
CA ALA A 49 -11.62 16.15 10.91
C ALA A 49 -10.73 16.15 12.16
N GLY A 50 -11.25 16.75 13.22
CA GLY A 50 -10.50 16.83 14.47
C GLY A 50 -10.84 18.11 15.23
N GLU A 51 -10.04 18.39 16.25
CA GLU A 51 -10.25 19.57 17.07
C GLU A 51 -8.96 19.95 17.79
N SER A 52 -8.66 21.24 17.78
CA SER A 52 -7.46 21.74 18.43
C SER A 52 -7.84 22.60 19.64
N LYS A 1 10.53 -13.45 -18.06
CA LYS A 1 9.55 -12.72 -17.29
C LYS A 1 8.40 -12.30 -18.21
N VAL A 2 8.76 -11.60 -19.27
CA VAL A 2 7.78 -11.13 -20.24
C VAL A 2 6.47 -10.80 -19.50
N ASN A 3 5.47 -11.64 -19.76
CA ASN A 3 4.17 -11.46 -19.14
C ASN A 3 4.36 -11.02 -17.69
N MET A 4 4.93 -11.92 -16.90
CA MET A 4 5.17 -11.65 -15.49
C MET A 4 5.97 -10.35 -15.32
N ASP A 5 6.91 -10.14 -16.23
CA ASP A 5 7.73 -8.94 -16.19
C ASP A 5 6.83 -7.71 -16.03
N LEU A 6 6.06 -7.44 -17.06
CA LEU A 6 5.16 -6.30 -17.05
C LEU A 6 4.09 -6.52 -15.98
N ARG A 7 3.80 -7.79 -15.73
CA ARG A 7 2.80 -8.14 -14.74
C ARG A 7 3.10 -7.45 -13.41
N ALA A 8 4.20 -7.88 -12.80
CA ALA A 8 4.61 -7.32 -11.52
C ALA A 8 4.88 -5.82 -11.69
N ASN A 9 5.55 -5.50 -12.79
CA ASN A 9 5.88 -4.11 -13.08
C ASN A 9 4.70 -3.22 -12.71
N LEU A 10 3.52 -3.66 -13.12
CA LEU A 10 2.30 -2.91 -12.84
C LEU A 10 1.73 -3.38 -11.50
N LYS A 11 1.36 -4.65 -11.46
CA LYS A 11 0.79 -5.21 -10.25
C LYS A 11 1.47 -4.59 -9.03
N GLN A 12 2.77 -4.83 -8.94
CA GLN A 12 3.55 -4.29 -7.84
C GLN A 12 2.95 -2.98 -7.34
N VAL A 13 2.88 -2.85 -6.02
CA VAL A 13 2.33 -1.65 -5.41
C VAL A 13 1.10 -1.20 -6.20
N LYS A 14 -0.06 -1.69 -5.76
CA LYS A 14 -1.31 -1.34 -6.41
C LYS A 14 -2.34 -0.95 -5.35
N LYS A 15 -2.77 0.29 -5.41
CA LYS A 15 -3.75 0.80 -4.47
C LYS A 15 -5.00 1.25 -5.23
N GLU A 16 -6.13 0.69 -4.80
CA GLU A 16 -7.40 1.02 -5.43
C GLU A 16 -8.33 1.71 -4.43
N ASP A 17 -7.71 2.34 -3.43
CA ASP A 17 -8.46 3.03 -2.41
C ASP A 17 -9.42 2.05 -1.72
N THR A 18 -10.38 2.60 -1.00
CA THR A 18 -11.36 1.79 -0.30
C THR A 18 -10.66 0.62 0.40
N GLU A 19 -9.41 0.84 0.77
CA GLU A 19 -8.64 -0.17 1.45
C GLU A 19 -8.21 -1.26 0.45
N LYS A 20 -7.82 -0.80 -0.73
CA LYS A 20 -7.39 -1.72 -1.78
C LYS A 20 -5.86 -1.75 -1.82
N GLU A 21 -5.27 -1.99 -0.66
CA GLU A 21 -3.82 -2.05 -0.55
C GLU A 21 -3.31 -3.44 -0.92
N LYS A 22 -2.79 -3.54 -2.13
CA LYS A 22 -2.27 -4.81 -2.62
C LYS A 22 -0.75 -4.72 -2.73
N ASP A 23 -0.08 -5.48 -1.87
CA ASP A 23 1.38 -5.50 -1.87
C ASP A 23 1.87 -6.76 -2.57
N LEU A 24 2.81 -6.56 -3.48
CA LEU A 24 3.37 -7.67 -4.23
C LEU A 24 4.29 -8.49 -3.31
N ARG A 25 5.28 -9.11 -3.93
CA ARG A 25 6.22 -9.93 -3.18
C ARG A 25 7.38 -9.06 -2.66
N ASP A 26 7.73 -8.06 -3.47
CA ASP A 26 8.81 -7.16 -3.10
C ASP A 26 8.56 -6.61 -1.69
N VAL A 27 7.33 -6.13 -1.49
CA VAL A 27 6.96 -5.57 -0.21
C VAL A 27 8.18 -4.92 0.44
N GLY A 28 8.85 -5.70 1.28
CA GLY A 28 10.03 -5.22 1.98
C GLY A 28 9.87 -3.76 2.38
N ASP A 29 10.39 -2.88 1.53
CA ASP A 29 10.30 -1.45 1.78
C ASP A 29 8.97 -0.91 1.26
N TRP A 30 8.72 -1.20 -0.02
CA TRP A 30 7.49 -0.76 -0.64
C TRP A 30 6.35 -0.91 0.37
N ARG A 31 6.18 -2.14 0.84
CA ARG A 31 5.15 -2.43 1.81
C ARG A 31 5.40 -1.66 3.11
N LYS A 32 6.44 -2.08 3.81
CA LYS A 32 6.80 -1.45 5.07
C LYS A 32 6.24 -0.03 5.10
N ASN A 33 6.50 0.70 4.02
CA ASN A 33 6.03 2.07 3.91
C ASN A 33 4.50 2.08 3.91
N ILE A 34 3.93 1.67 2.79
CA ILE A 34 2.48 1.63 2.66
C ILE A 34 1.89 0.82 3.82
N GLU A 35 2.37 -0.41 3.94
CA GLU A 35 1.89 -1.29 5.00
C GLU A 35 1.59 -0.49 6.26
N GLU A 36 2.57 0.31 6.67
CA GLU A 36 2.42 1.14 7.86
C GLU A 36 1.38 2.24 7.61
N LYS A 37 1.80 3.24 6.87
CA LYS A 37 0.92 4.36 6.56
C LYS A 37 -0.40 3.82 6.00
N SER A 38 -0.48 3.81 4.67
CA SER A 38 -1.67 3.33 4.00
C SER A 38 -2.24 2.11 4.74
N GLY A 39 -3.55 2.01 4.72
CA GLY A 39 -4.23 0.90 5.38
C GLY A 39 -4.95 1.37 6.64
N MET A 40 -4.18 1.47 7.72
CA MET A 40 -4.73 1.91 8.99
C MET A 40 -5.39 3.28 8.86
N GLU A 41 -4.85 4.08 7.95
CA GLU A 41 -5.39 5.41 7.71
C GLU A 41 -6.72 5.33 6.98
N GLY A 42 -6.75 4.45 5.97
CA GLY A 42 -7.96 4.27 5.19
C GLY A 42 -9.11 3.77 6.05
N ARG A 43 -8.77 2.90 6.99
CA ARG A 43 -9.76 2.34 7.89
C ARG A 43 -10.21 3.39 8.91
N LYS A 44 -9.23 4.11 9.43
CA LYS A 44 -9.50 5.14 10.42
C LYS A 44 -10.45 6.17 9.82
N LYS A 45 -10.05 6.73 8.69
CA LYS A 45 -10.85 7.73 8.01
C LYS A 45 -12.20 7.11 7.61
N MET A 46 -12.13 5.85 7.19
CA MET A 46 -13.33 5.14 6.80
C MET A 46 -14.25 4.89 7.99
N PHE A 47 -13.65 4.92 9.17
CA PHE A 47 -14.40 4.70 10.39
C PHE A 47 -14.78 6.02 11.05
N GLU A 48 -13.83 6.59 11.76
CA GLU A 48 -14.05 7.86 12.44
C GLU A 48 -15.41 7.85 13.15
N ALA A 49 -15.85 6.64 13.49
CA ALA A 49 -17.12 6.48 14.17
C ALA A 49 -17.26 5.04 14.65
N GLY A 50 -17.99 4.88 15.75
CA GLY A 50 -18.20 3.56 16.32
C GLY A 50 -17.07 3.19 17.28
N GLU A 51 -15.85 3.17 16.74
CA GLU A 51 -14.69 2.83 17.54
C GLU A 51 -14.90 1.49 18.23
N SER A 52 -14.25 0.46 17.69
CA SER A 52 -14.35 -0.87 18.26
C SER A 52 -13.44 -1.00 19.48
N LYS A 1 10.98 -11.91 -21.22
CA LYS A 1 9.79 -11.95 -20.40
C LYS A 1 9.29 -10.52 -20.16
N VAL A 2 9.17 -9.78 -21.25
CA VAL A 2 8.71 -8.40 -21.17
C VAL A 2 7.34 -8.36 -20.46
N ASN A 3 6.39 -9.07 -21.05
CA ASN A 3 5.05 -9.12 -20.49
C ASN A 3 5.14 -9.19 -18.97
N MET A 4 6.23 -9.79 -18.49
CA MET A 4 6.44 -9.93 -17.07
C MET A 4 6.96 -8.63 -16.46
N ASP A 5 8.07 -8.16 -17.00
CA ASP A 5 8.69 -6.93 -16.52
C ASP A 5 7.62 -5.84 -16.46
N LEU A 6 6.86 -5.73 -17.54
CA LEU A 6 5.81 -4.74 -17.63
C LEU A 6 4.70 -5.08 -16.63
N ARG A 7 4.33 -6.36 -16.63
CA ARG A 7 3.29 -6.83 -15.73
C ARG A 7 3.53 -6.30 -14.32
N ALA A 8 4.53 -6.89 -13.66
CA ALA A 8 4.86 -6.50 -12.31
C ALA A 8 5.08 -4.99 -12.26
N ASN A 9 5.86 -4.50 -13.20
CA ASN A 9 6.15 -3.08 -13.27
C ASN A 9 4.89 -2.29 -12.93
N LEU A 10 3.77 -2.76 -13.45
CA LEU A 10 2.50 -2.11 -13.19
C LEU A 10 1.86 -2.71 -11.94
N LYS A 11 1.50 -3.98 -12.04
CA LYS A 11 0.89 -4.68 -10.93
C LYS A 11 1.50 -4.18 -9.62
N GLN A 12 2.79 -4.38 -9.49
CA GLN A 12 3.51 -3.96 -8.30
C GLN A 12 2.85 -2.72 -7.70
N VAL A 13 2.87 -2.64 -6.38
CA VAL A 13 2.28 -1.52 -5.67
C VAL A 13 0.93 -1.18 -6.31
N LYS A 14 -0.11 -1.75 -5.74
CA LYS A 14 -1.46 -1.51 -6.24
C LYS A 14 -2.45 -1.52 -5.08
N LYS A 15 -3.12 -0.40 -4.89
CA LYS A 15 -4.09 -0.27 -3.81
C LYS A 15 -5.19 0.70 -4.23
N GLU A 16 -6.32 0.59 -3.56
CA GLU A 16 -7.45 1.45 -3.85
C GLU A 16 -7.77 2.34 -2.65
N ASP A 17 -7.18 1.99 -1.52
CA ASP A 17 -7.39 2.75 -0.30
C ASP A 17 -6.71 2.03 0.87
N THR A 18 -6.94 2.55 2.06
CA THR A 18 -6.37 1.96 3.26
C THR A 18 -6.42 0.43 3.18
N GLU A 19 -7.55 -0.12 3.61
CA GLU A 19 -7.73 -1.56 3.60
C GLU A 19 -7.27 -2.14 2.26
N LYS A 20 -8.00 -1.78 1.22
CA LYS A 20 -7.67 -2.25 -0.11
C LYS A 20 -6.22 -1.87 -0.46
N GLU A 21 -5.31 -2.77 -0.08
CA GLU A 21 -3.90 -2.53 -0.34
C GLU A 21 -3.23 -3.81 -0.85
N LYS A 22 -2.98 -3.85 -2.14
CA LYS A 22 -2.35 -5.00 -2.76
C LYS A 22 -0.84 -4.79 -2.81
N ASP A 23 -0.12 -5.53 -1.98
CA ASP A 23 1.32 -5.43 -1.92
C ASP A 23 1.94 -6.60 -2.69
N LEU A 24 2.54 -6.27 -3.83
CA LEU A 24 3.17 -7.28 -4.67
C LEU A 24 4.26 -7.99 -3.86
N ARG A 25 5.16 -8.62 -4.59
CA ARG A 25 6.26 -9.34 -3.97
C ARG A 25 7.31 -8.35 -3.45
N ASP A 26 7.63 -7.38 -4.29
CA ASP A 26 8.62 -6.38 -3.93
C ASP A 26 8.06 -5.50 -2.81
N VAL A 27 7.62 -6.15 -1.75
CA VAL A 27 7.07 -5.44 -0.61
C VAL A 27 8.21 -4.88 0.24
N GLY A 28 8.86 -5.77 0.97
CA GLY A 28 9.96 -5.37 1.83
C GLY A 28 9.76 -3.95 2.35
N ASP A 29 10.46 -3.02 1.73
CA ASP A 29 10.38 -1.63 2.13
C ASP A 29 9.11 -1.01 1.53
N TRP A 30 8.91 -1.29 0.25
CA TRP A 30 7.75 -0.77 -0.45
C TRP A 30 6.54 -0.89 0.48
N ARG A 31 6.25 -2.12 0.89
CA ARG A 31 5.14 -2.38 1.77
C ARG A 31 5.32 -1.65 3.09
N LYS A 32 6.31 -2.12 3.85
CA LYS A 32 6.61 -1.52 5.14
C LYS A 32 6.15 -0.06 5.14
N ASN A 33 6.48 0.63 4.07
CA ASN A 33 6.12 2.04 3.93
C ASN A 33 4.59 2.15 3.90
N ILE A 34 4.02 1.74 2.77
CA ILE A 34 2.58 1.80 2.60
C ILE A 34 1.90 1.00 3.72
N GLU A 35 2.27 -0.28 3.79
CA GLU A 35 1.71 -1.16 4.79
C GLU A 35 1.41 -0.39 6.08
N GLU A 36 2.44 0.30 6.56
CA GLU A 36 2.30 1.09 7.78
C GLU A 36 1.42 2.32 7.52
N LYS A 37 1.97 3.26 6.78
CA LYS A 37 1.25 4.47 6.45
C LYS A 37 0.12 4.14 5.47
N SER A 38 -0.83 3.38 5.95
CA SER A 38 -1.97 2.99 5.14
C SER A 38 -3.19 2.70 6.02
N GLY A 39 -2.98 1.81 6.99
CA GLY A 39 -4.04 1.45 7.90
C GLY A 39 -4.34 2.58 8.88
N MET A 40 -3.48 2.69 9.89
CA MET A 40 -3.65 3.73 10.90
C MET A 40 -3.78 5.10 10.25
N GLU A 41 -2.77 5.47 9.49
CA GLU A 41 -2.76 6.76 8.81
C GLU A 41 -4.04 6.93 8.00
N GLY A 42 -4.50 5.82 7.44
CA GLY A 42 -5.72 5.83 6.63
C GLY A 42 -6.92 6.26 7.47
N ARG A 43 -7.06 5.62 8.63
CA ARG A 43 -8.16 5.93 9.52
C ARG A 43 -8.04 7.36 10.05
N LYS A 44 -6.97 7.59 10.79
CA LYS A 44 -6.72 8.90 11.37
C LYS A 44 -6.97 9.97 10.29
N LYS A 45 -6.48 9.68 9.10
CA LYS A 45 -6.63 10.61 7.99
C LYS A 45 -8.11 10.89 7.77
N MET A 46 -8.87 9.82 7.57
CA MET A 46 -10.30 9.94 7.34
C MET A 46 -10.99 10.57 8.57
N PHE A 47 -10.28 10.54 9.69
CA PHE A 47 -10.81 11.08 10.93
C PHE A 47 -10.51 12.58 11.03
N GLU A 48 -9.31 12.88 11.50
CA GLU A 48 -8.89 14.26 11.66
C GLU A 48 -10.06 15.12 12.16
N ALA A 49 -10.64 14.68 13.28
CA ALA A 49 -11.75 15.39 13.87
C ALA A 49 -11.50 16.90 13.78
N GLY A 50 -12.22 17.53 12.87
CA GLY A 50 -12.09 18.97 12.67
C GLY A 50 -12.64 19.39 11.31
N GLU A 51 -11.94 18.98 10.27
CA GLU A 51 -12.35 19.29 8.91
C GLU A 51 -12.38 20.81 8.71
N SER A 52 -11.24 21.34 8.28
CA SER A 52 -11.11 22.77 8.05
C SER A 52 -11.48 23.09 6.60
#